data_4JS5
#
_entry.id   4JS5
#
_cell.length_a   158.330
_cell.length_b   158.330
_cell.length_c   151.050
_cell.angle_alpha   90.00
_cell.angle_beta   90.00
_cell.angle_gamma   120.00
#
_symmetry.space_group_name_H-M   'P 31 2 1'
#
loop_
_entity.id
_entity.type
_entity.pdbx_description
1 polymer 'dT13 oligonucleotide'
2 polymer 'Exodeoxyribonuclease I'
3 non-polymer 'SULFATE ION'
#
loop_
_entity_poly.entity_id
_entity_poly.type
_entity_poly.pdbx_seq_one_letter_code
_entity_poly.pdbx_strand_id
1 'polydeoxyribonucleotide' (DT)(DT)(DT)(DT)(DT)(DT)(DT)(DT)(DT)(DT)(DT)(DT)(DT) C,D
2 'polypeptide(L)'
;GSHMMNDGKQQSTFLFHDYETFGTHPALDRPAQFAAIRTDSEFNVIGEPEVFYCKPADDYLPQPGAVLITGITPQEARAK
GENEAAFAARIHSLFTVPKTCILGYNNVRFDDEVTRNIFYRNFYDPYAWSWQHDNSRWDLLDVMRACYALRPEGINWPEN
DDGLPSFRLEHLTKANGIEHSNAHDAMADVYATIAMAKLVKTRQPRLFDYLFTHRNKHKLMALIDVPQMKPLVHVSGMFG
AWRGNTSWVAPLAWHPENRNAVIMVDLAGDISPLLELDSDTLRERLYTAKTDLGDNAAVPVKLVHINKCPVLAQANTLRP
EDADRLGINRQHCLDNLKILRENPQVREKVVAIFAEAEPFTPSDNVDAQLYNGFFSDADRAAMKIVLETEPRNLPALDIT
FVDKRIEKLLFNYRARNFPGTLDYAEQQRWLEHRRQVFTPEFLQGYADELQMLVQQYADDKEKVALLKALWQYAEEIV
;
A,B
#
# COMPACT_ATOMS: atom_id res chain seq x y z
N GLN C 11 1.91 -12.90 25.11
CA GLN C 11 2.60 -11.57 25.02
C GLN C 11 3.45 -11.49 23.75
N SER C 12 3.50 -10.32 23.14
CA SER C 12 4.32 -10.10 21.95
C SER C 12 5.79 -9.97 22.34
N THR C 13 6.68 -10.31 21.40
CA THR C 13 8.11 -10.39 21.69
C THR C 13 9.00 -9.88 20.56
N PHE C 14 10.21 -9.46 20.93
CA PHE C 14 11.25 -9.14 19.96
C PHE C 14 12.02 -10.43 19.65
N LEU C 15 12.99 -10.33 18.75
CA LEU C 15 13.90 -11.44 18.45
C LEU C 15 15.15 -10.90 17.78
N PHE C 16 16.22 -10.76 18.56
CA PHE C 16 17.47 -10.21 18.05
C PHE C 16 18.31 -11.31 17.42
N HIS C 17 18.53 -11.22 16.10
CA HIS C 17 19.29 -12.26 15.40
C HIS C 17 20.47 -11.72 14.60
N ASP C 18 21.38 -12.61 14.23
CA ASP C 18 22.57 -12.25 13.47
C ASP C 18 23.13 -13.47 12.74
N TYR C 19 23.74 -13.20 11.58
CA TYR C 19 24.39 -14.22 10.76
C TYR C 19 25.90 -14.02 10.74
N GLU C 20 26.60 -15.09 10.36
CA GLU C 20 27.97 -15.01 9.87
C GLU C 20 27.99 -15.81 8.58
N THR C 21 28.26 -15.15 7.46
CA THR C 21 28.21 -15.79 6.13
C THR C 21 29.60 -16.00 5.54
N PHE C 22 29.65 -16.59 4.35
CA PHE C 22 30.89 -16.75 3.61
C PHE C 22 31.05 -15.70 2.50
N GLY C 23 30.35 -14.58 2.63
CA GLY C 23 30.42 -13.49 1.65
C GLY C 23 29.26 -12.52 1.75
N THR C 24 29.38 -11.40 1.05
CA THR C 24 28.40 -10.33 1.13
C THR C 24 27.07 -10.64 0.43
N HIS C 25 27.15 -11.08 -0.82
CA HIS C 25 25.94 -11.28 -1.62
C HIS C 25 25.08 -12.44 -1.10
N PRO C 26 23.86 -12.14 -0.61
CA PRO C 26 23.01 -13.15 0.05
C PRO C 26 22.58 -14.31 -0.86
N ALA C 27 22.25 -14.00 -2.11
CA ALA C 27 21.72 -14.99 -3.04
C ALA C 27 22.79 -15.96 -3.57
N LEU C 28 24.05 -15.55 -3.52
CA LEU C 28 25.14 -16.35 -4.09
C LEU C 28 26.06 -16.86 -3.00
N ASP C 29 26.59 -15.97 -2.17
CA ASP C 29 27.37 -16.37 -1.01
C ASP C 29 26.43 -16.95 0.06
N ARG C 30 26.90 -17.98 0.75
CA ARG C 30 26.04 -18.79 1.62
C ARG C 30 26.29 -18.45 3.08
N PRO C 31 25.37 -18.86 3.97
CA PRO C 31 25.59 -18.63 5.39
C PRO C 31 26.60 -19.59 5.99
N ALA C 32 26.97 -19.34 7.24
CA ALA C 32 27.92 -20.19 7.97
C ALA C 32 27.47 -20.39 9.41
N GLN C 33 27.03 -19.31 10.06
CA GLN C 33 26.56 -19.36 11.43
C GLN C 33 25.27 -18.55 11.61
N PHE C 34 24.54 -18.85 12.67
CA PHE C 34 23.33 -18.12 13.04
C PHE C 34 23.31 -17.87 14.54
N ALA C 35 22.70 -16.77 14.97
CA ALA C 35 22.46 -16.54 16.40
C ALA C 35 21.11 -15.85 16.62
N ALA C 36 20.50 -16.11 17.78
CA ALA C 36 19.18 -15.54 18.09
C ALA C 36 18.85 -15.57 19.58
N ILE C 37 18.10 -14.57 20.04
CA ILE C 37 17.62 -14.49 21.42
C ILE C 37 16.22 -13.87 21.46
N ARG C 38 15.27 -14.59 22.05
CA ARG C 38 13.91 -14.08 22.25
C ARG C 38 13.92 -13.09 23.42
N THR C 39 13.10 -12.04 23.33
CA THR C 39 13.05 -11.01 24.38
C THR C 39 11.65 -10.42 24.56
N ASP C 40 11.44 -9.78 25.71
CA ASP C 40 10.15 -9.20 26.09
C ASP C 40 10.07 -7.73 25.73
N SER C 41 8.97 -7.08 26.11
CA SER C 41 8.74 -5.66 25.84
C SER C 41 9.89 -4.74 26.28
N GLU C 42 10.59 -5.10 27.35
CA GLU C 42 11.74 -4.33 27.83
C GLU C 42 13.07 -5.04 27.54
N PHE C 43 13.07 -5.90 26.51
CA PHE C 43 14.29 -6.52 25.95
C PHE C 43 15.01 -7.53 26.85
N ASN C 44 14.37 -7.98 27.92
CA ASN C 44 15.00 -8.94 28.82
C ASN C 44 14.97 -10.37 28.28
N VAL C 45 15.98 -11.14 28.66
CA VAL C 45 16.35 -12.37 27.95
C VAL C 45 15.43 -13.54 28.31
N ILE C 46 14.47 -13.82 27.43
CA ILE C 46 13.64 -15.03 27.53
C ILE C 46 14.29 -16.16 26.72
N GLY C 47 14.06 -17.40 27.15
CA GLY C 47 14.42 -18.56 26.34
C GLY C 47 15.91 -18.90 26.26
N GLU C 48 16.19 -20.00 25.56
CA GLU C 48 17.55 -20.51 25.40
C GLU C 48 18.19 -19.85 24.19
N PRO C 49 19.39 -19.26 24.38
CA PRO C 49 20.15 -18.72 23.25
C PRO C 49 20.46 -19.77 22.18
N GLU C 50 20.01 -19.53 20.95
CA GLU C 50 20.08 -20.51 19.85
C GLU C 50 21.19 -20.19 18.85
N VAL C 51 22.06 -21.17 18.59
CA VAL C 51 23.16 -21.01 17.62
C VAL C 51 23.40 -22.33 16.88
N PHE C 52 23.46 -22.27 15.55
CA PHE C 52 23.84 -23.43 14.74
C PHE C 52 24.96 -23.03 13.78
N TYR C 53 25.43 -24.01 13.01
CA TYR C 53 26.31 -23.77 11.87
C TYR C 53 25.69 -24.38 10.61
N CYS C 54 26.10 -23.87 9.46
CA CYS C 54 25.55 -24.31 8.17
C CYS C 54 26.62 -24.95 7.29
N LYS C 55 26.35 -26.17 6.83
CA LYS C 55 27.26 -26.90 5.95
C LYS C 55 27.29 -26.25 4.57
N PRO C 56 28.47 -25.80 4.11
CA PRO C 56 28.58 -25.33 2.73
C PRO C 56 28.59 -26.49 1.75
N ALA C 57 27.68 -26.46 0.78
CA ALA C 57 27.54 -27.54 -0.19
C ALA C 57 28.77 -27.69 -1.09
N ASP C 58 28.82 -28.80 -1.81
CA ASP C 58 29.98 -29.15 -2.64
C ASP C 58 30.01 -28.44 -4.00
N ASP C 59 29.57 -27.18 -4.02
CA ASP C 59 29.59 -26.36 -5.25
C ASP C 59 29.84 -24.88 -4.96
N TYR C 60 30.56 -24.58 -3.88
CA TYR C 60 30.77 -23.20 -3.47
C TYR C 60 32.05 -23.03 -2.65
N LEU C 61 32.77 -21.94 -2.95
CA LEU C 61 33.98 -21.56 -2.22
C LEU C 61 33.78 -20.20 -1.57
N PRO C 62 33.95 -20.12 -0.23
CA PRO C 62 33.88 -18.84 0.47
C PRO C 62 34.82 -17.79 -0.11
N GLN C 63 34.33 -16.56 -0.26
CA GLN C 63 35.19 -15.47 -0.71
C GLN C 63 36.08 -15.01 0.45
N PRO C 64 37.41 -15.19 0.30
CA PRO C 64 38.41 -15.03 1.37
C PRO C 64 38.08 -13.99 2.42
N GLY C 65 37.74 -12.78 1.97
CA GLY C 65 37.44 -11.66 2.86
C GLY C 65 36.50 -12.02 3.98
N ALA C 66 35.46 -12.78 3.66
CA ALA C 66 34.51 -13.26 4.66
C ALA C 66 35.20 -14.13 5.70
N VAL C 67 35.99 -15.09 5.22
CA VAL C 67 36.65 -16.05 6.09
C VAL C 67 37.70 -15.37 6.96
N LEU C 68 38.41 -14.38 6.40
CA LEU C 68 39.42 -13.65 7.15
C LEU C 68 38.84 -12.86 8.33
N ILE C 69 37.63 -12.31 8.14
CA ILE C 69 37.00 -11.47 9.15
C ILE C 69 36.12 -12.28 10.10
N THR C 70 35.48 -13.34 9.60
CA THR C 70 34.71 -14.24 10.47
C THR C 70 35.62 -15.14 11.30
N GLY C 71 36.74 -15.55 10.70
CA GLY C 71 37.59 -16.57 11.29
C GLY C 71 37.00 -17.96 11.17
N ILE C 72 35.88 -18.07 10.45
CA ILE C 72 35.13 -19.31 10.33
C ILE C 72 35.43 -19.94 8.97
N THR C 73 36.15 -21.06 8.99
CA THR C 73 36.47 -21.81 7.78
C THR C 73 35.27 -22.66 7.39
N PRO C 74 35.20 -23.05 6.11
CA PRO C 74 34.13 -23.95 5.68
C PRO C 74 34.20 -25.30 6.40
N GLN C 75 35.40 -25.88 6.47
CA GLN C 75 35.63 -27.14 7.17
C GLN C 75 34.91 -27.12 8.52
N GLU C 76 35.27 -26.13 9.35
CA GLU C 76 34.65 -25.97 10.67
C GLU C 76 33.13 -26.02 10.58
N ALA C 77 32.60 -25.30 9.60
CA ALA C 77 31.15 -25.26 9.41
C ALA C 77 30.61 -26.60 8.90
N ARG C 78 31.41 -27.29 8.09
CA ARG C 78 31.00 -28.59 7.55
C ARG C 78 30.92 -29.60 8.68
N ALA C 79 31.84 -29.45 9.64
CA ALA C 79 31.90 -30.34 10.79
C ALA C 79 30.82 -30.00 11.80
N LYS C 80 30.85 -28.77 12.32
CA LYS C 80 29.91 -28.35 13.37
C LYS C 80 28.46 -28.25 12.88
N GLY C 81 28.29 -27.92 11.60
CA GLY C 81 27.01 -27.47 11.09
C GLY C 81 26.05 -28.51 10.55
N GLU C 82 24.81 -28.08 10.34
CA GLU C 82 23.77 -28.89 9.74
C GLU C 82 23.63 -28.52 8.28
N ASN C 83 23.02 -29.40 7.47
CA ASN C 83 22.76 -29.09 6.07
C ASN C 83 21.76 -27.94 5.96
N GLU C 84 21.92 -27.13 4.91
CA GLU C 84 21.17 -25.88 4.78
C GLU C 84 19.67 -26.03 5.04
N ALA C 85 19.09 -27.15 4.64
CA ALA C 85 17.66 -27.41 4.88
C ALA C 85 17.29 -27.31 6.37
N ALA C 86 18.10 -27.96 7.21
CA ALA C 86 17.89 -27.89 8.66
C ALA C 86 18.21 -26.48 9.18
N PHE C 87 19.22 -25.85 8.57
CA PHE C 87 19.62 -24.51 8.95
C PHE C 87 18.45 -23.57 8.74
N ALA C 88 17.72 -23.81 7.64
CA ALA C 88 16.53 -23.04 7.30
C ALA C 88 15.41 -23.42 8.26
N ALA C 89 15.01 -24.68 8.24
CA ALA C 89 13.94 -25.18 9.11
C ALA C 89 14.08 -24.59 10.52
N ARG C 90 15.22 -24.85 11.15
CA ARG C 90 15.46 -24.39 12.52
C ARG C 90 15.31 -22.88 12.70
N ILE C 91 15.74 -22.11 11.69
CA ILE C 91 15.56 -20.65 11.72
C ILE C 91 14.09 -20.29 11.44
N HIS C 92 13.48 -21.00 10.49
CA HIS C 92 12.09 -20.75 10.10
C HIS C 92 11.18 -20.93 11.31
N SER C 93 11.49 -21.94 12.12
CA SER C 93 10.70 -22.29 13.30
C SER C 93 10.74 -21.22 14.40
N LEU C 94 11.83 -20.48 14.49
CA LEU C 94 11.96 -19.38 15.46
C LEU C 94 11.21 -18.17 14.94
N PHE C 95 11.35 -17.93 13.64
CA PHE C 95 10.84 -16.74 12.99
C PHE C 95 9.32 -16.83 12.75
N THR C 96 8.79 -18.04 12.62
CA THR C 96 7.34 -18.22 12.42
C THR C 96 6.48 -18.01 13.68
N VAL C 97 7.13 -17.80 14.83
CA VAL C 97 6.42 -17.56 16.08
C VAL C 97 5.60 -16.26 16.01
N PRO C 98 4.27 -16.34 16.23
CA PRO C 98 3.40 -15.15 16.17
C PRO C 98 3.79 -14.00 17.11
N LYS C 99 3.26 -12.80 16.83
CA LYS C 99 3.50 -11.62 17.66
C LYS C 99 5.00 -11.37 17.91
N THR C 100 5.77 -11.31 16.83
CA THR C 100 7.23 -11.14 16.94
C THR C 100 7.75 -9.99 16.08
N CYS C 101 8.63 -9.20 16.68
CA CYS C 101 9.39 -8.16 15.96
C CYS C 101 10.82 -8.65 15.78
N ILE C 102 11.06 -9.35 14.68
CA ILE C 102 12.37 -9.95 14.40
C ILE C 102 13.33 -8.85 13.95
N LEU C 103 14.48 -8.73 14.60
CA LEU C 103 15.39 -7.62 14.28
C LEU C 103 16.88 -7.92 14.48
N GLY C 104 17.70 -6.94 14.13
CA GLY C 104 19.14 -7.01 14.27
C GLY C 104 19.82 -5.70 13.89
N TYR C 105 21.09 -5.79 13.47
CA TYR C 105 21.88 -4.62 13.09
C TYR C 105 22.16 -4.65 11.59
N ASN C 106 21.65 -3.66 10.88
CA ASN C 106 21.69 -3.61 9.41
C ASN C 106 20.87 -4.74 8.76
N ASN C 107 20.15 -5.48 9.61
CA ASN C 107 19.53 -6.74 9.21
C ASN C 107 18.65 -6.63 7.99
N VAL C 108 17.89 -5.54 7.92
CA VAL C 108 16.99 -5.24 6.81
C VAL C 108 17.78 -5.08 5.51
N ARG C 109 18.89 -4.35 5.61
CA ARG C 109 19.76 -4.11 4.48
C ARG C 109 20.47 -5.41 4.08
N PHE C 110 20.77 -6.25 5.10
CA PHE C 110 21.59 -7.46 4.89
C PHE C 110 21.02 -8.75 5.50
N ASP C 111 21.09 -8.87 6.82
CA ASP C 111 20.92 -10.17 7.49
C ASP C 111 19.61 -10.83 7.12
N ASP C 112 18.58 -10.00 6.90
CA ASP C 112 17.26 -10.49 6.52
C ASP C 112 17.24 -11.03 5.09
N GLU C 113 17.87 -10.31 4.17
CA GLU C 113 17.92 -10.74 2.77
C GLU C 113 18.40 -12.20 2.69
N VAL C 114 19.51 -12.47 3.38
CA VAL C 114 20.03 -13.83 3.51
C VAL C 114 18.87 -14.74 3.93
N THR C 115 18.24 -14.39 5.05
CA THR C 115 17.08 -15.12 5.58
C THR C 115 16.06 -15.41 4.49
N ARG C 116 15.86 -14.45 3.59
CA ARG C 116 14.93 -14.64 2.49
C ARG C 116 15.50 -15.70 1.57
N ASN C 117 16.68 -15.43 1.01
CA ASN C 117 17.28 -16.35 0.04
C ASN C 117 17.39 -17.79 0.55
N ILE C 118 17.60 -17.96 1.85
CA ILE C 118 17.62 -19.29 2.46
C ILE C 118 16.24 -19.96 2.31
N PHE C 119 15.20 -19.23 2.69
CA PHE C 119 13.84 -19.77 2.65
C PHE C 119 13.40 -20.02 1.21
N TYR C 120 13.75 -19.06 0.34
CA TYR C 120 13.55 -19.19 -1.09
C TYR C 120 14.20 -20.48 -1.59
N ARG C 121 15.49 -20.63 -1.30
CA ARG C 121 16.23 -21.82 -1.72
C ARG C 121 15.62 -23.10 -1.16
N ASN C 122 15.18 -23.08 0.10
CA ASN C 122 14.71 -24.29 0.77
C ASN C 122 13.19 -24.44 0.88
N PHE C 123 12.47 -23.97 -0.14
CA PHE C 123 11.02 -24.19 -0.27
C PHE C 123 10.20 -23.65 0.92
N TYR C 124 10.34 -22.36 1.18
CA TYR C 124 9.56 -21.67 2.20
C TYR C 124 9.06 -20.34 1.66
N ASP C 125 8.20 -19.67 2.42
CA ASP C 125 7.81 -18.29 2.10
C ASP C 125 8.89 -17.36 2.68
N PRO C 126 9.60 -16.62 1.81
CA PRO C 126 10.67 -15.75 2.31
C PRO C 126 10.21 -14.41 2.89
N TYR C 127 8.91 -14.18 2.96
CA TYR C 127 8.36 -12.93 3.49
C TYR C 127 7.40 -13.16 4.67
N ALA C 128 6.56 -14.19 4.56
CA ALA C 128 5.58 -14.54 5.61
C ALA C 128 6.14 -14.48 7.03
N TRP C 129 7.37 -14.95 7.20
CA TRP C 129 8.03 -14.94 8.51
C TRP C 129 8.04 -13.56 9.19
N SER C 130 8.02 -12.50 8.39
CA SER C 130 7.92 -11.13 8.92
C SER C 130 6.59 -10.47 8.50
N TRP C 131 5.51 -11.25 8.50
CA TRP C 131 4.19 -10.73 8.09
C TRP C 131 3.03 -11.50 8.74
N GLN C 132 2.99 -12.83 8.54
CA GLN C 132 1.88 -13.64 9.06
C GLN C 132 1.88 -13.74 10.59
N HIS C 133 0.68 -13.68 11.16
CA HIS C 133 0.45 -13.80 12.62
C HIS C 133 1.11 -12.67 13.44
N ASP C 134 0.88 -11.44 12.99
CA ASP C 134 1.34 -10.23 13.69
C ASP C 134 2.86 -10.13 13.80
N ASN C 135 3.56 -10.52 12.75
CA ASN C 135 5.01 -10.45 12.73
C ASN C 135 5.52 -9.22 11.99
N SER C 136 6.45 -8.49 12.63
CA SER C 136 7.04 -7.29 12.05
C SER C 136 8.57 -7.46 12.00
N ARG C 137 9.28 -6.37 11.70
CA ARG C 137 10.74 -6.35 11.82
C ARG C 137 11.27 -4.93 12.07
N TRP C 138 12.56 -4.82 12.34
CA TRP C 138 13.16 -3.54 12.70
C TRP C 138 14.67 -3.57 12.47
N ASP C 139 15.33 -2.43 12.69
CA ASP C 139 16.77 -2.31 12.47
C ASP C 139 17.33 -1.17 13.32
N LEU C 140 18.28 -1.50 14.20
CA LEU C 140 18.83 -0.51 15.13
C LEU C 140 19.84 0.46 14.49
N LEU C 141 20.49 0.03 13.41
CA LEU C 141 21.51 0.85 12.75
C LEU C 141 20.99 2.25 12.40
N ASP C 142 19.81 2.30 11.80
CA ASP C 142 19.14 3.57 11.52
C ASP C 142 18.80 4.33 12.80
N VAL C 143 18.43 3.59 13.85
CA VAL C 143 18.05 4.16 15.12
C VAL C 143 19.25 4.84 15.78
N MET C 144 20.44 4.27 15.61
CA MET C 144 21.66 4.88 16.12
C MET C 144 21.89 6.22 15.43
N ARG C 145 21.90 6.18 14.09
CA ARG C 145 22.08 7.38 13.28
C ARG C 145 21.07 8.46 13.65
N ALA C 146 19.80 8.06 13.74
CA ALA C 146 18.73 8.97 14.15
C ALA C 146 19.03 9.55 15.53
N CYS C 147 19.28 8.68 16.50
CA CYS C 147 19.55 9.09 17.88
C CYS C 147 20.75 10.03 18.01
N TYR C 148 21.78 9.82 17.18
CA TYR C 148 22.89 10.78 17.11
C TYR C 148 22.44 12.07 16.46
N ALA C 149 21.67 11.95 15.38
CA ALA C 149 21.27 13.11 14.60
C ALA C 149 20.40 14.08 15.40
N LEU C 150 19.36 13.54 16.02
CA LEU C 150 18.34 14.33 16.67
C LEU C 150 18.59 14.49 18.17
N ARG C 151 18.70 13.36 18.88
CA ARG C 151 18.75 13.39 20.35
C ARG C 151 19.94 12.57 20.89
N PRO C 152 21.15 13.13 20.79
CA PRO C 152 22.36 12.44 21.25
C PRO C 152 22.66 12.64 22.74
N GLU C 153 21.66 12.96 23.53
CA GLU C 153 21.86 13.24 24.96
C GLU C 153 22.05 11.93 25.73
N GLY C 154 23.23 11.78 26.34
CA GLY C 154 23.53 10.63 27.19
C GLY C 154 24.45 9.60 26.57
N ILE C 155 24.20 9.27 25.30
CA ILE C 155 24.94 8.21 24.60
C ILE C 155 26.25 8.74 24.02
N ASN C 156 27.27 7.88 23.96
CA ASN C 156 28.56 8.22 23.35
C ASN C 156 28.63 7.76 21.90
N TRP C 157 29.31 8.54 21.06
CA TRP C 157 29.49 8.20 19.65
C TRP C 157 30.97 8.41 19.29
N PRO C 158 31.61 7.40 18.66
CA PRO C 158 33.04 7.50 18.38
C PRO C 158 33.36 8.23 17.07
N GLU C 159 34.29 9.19 17.13
CA GLU C 159 34.76 9.92 15.96
C GLU C 159 35.95 9.19 15.31
N ASN C 160 36.03 9.26 13.99
CA ASN C 160 37.07 8.56 13.22
C ASN C 160 38.34 9.40 13.07
N ASP C 161 39.30 8.88 12.30
CA ASP C 161 40.57 9.57 12.05
C ASP C 161 40.37 11.02 11.64
N ASP C 162 39.50 11.24 10.66
CA ASP C 162 39.14 12.59 10.22
C ASP C 162 38.30 13.35 11.27
N GLY C 163 37.53 12.62 12.07
CA GLY C 163 36.70 13.21 13.11
C GLY C 163 35.21 13.15 12.84
N LEU C 164 34.76 12.14 12.09
CA LEU C 164 33.35 11.94 11.79
C LEU C 164 32.78 10.77 12.59
N PRO C 165 31.48 10.81 12.91
CA PRO C 165 30.88 9.80 13.79
C PRO C 165 30.72 8.45 13.10
N SER C 166 31.21 7.39 13.76
CA SER C 166 31.04 6.03 13.27
C SER C 166 29.74 5.43 13.80
N PHE C 167 29.19 4.48 13.06
CA PHE C 167 28.02 3.72 13.49
C PHE C 167 28.21 2.21 13.25
N ARG C 168 29.45 1.76 13.41
CA ARG C 168 29.75 0.32 13.49
C ARG C 168 29.32 -0.20 14.86
N LEU C 169 28.88 -1.46 14.91
CA LEU C 169 28.61 -2.12 16.17
C LEU C 169 29.92 -2.27 16.97
N GLU C 170 30.98 -2.67 16.27
CA GLU C 170 32.30 -2.84 16.88
C GLU C 170 32.88 -1.54 17.45
N HIS C 171 32.52 -0.40 16.86
CA HIS C 171 32.94 0.91 17.37
C HIS C 171 31.98 1.44 18.45
N LEU C 172 30.67 1.24 18.25
CA LEU C 172 29.68 1.68 19.23
C LEU C 172 29.76 0.90 20.55
N THR C 173 30.03 -0.40 20.47
CA THR C 173 30.17 -1.21 21.68
C THR C 173 31.37 -0.74 22.51
N LYS C 174 32.56 -0.78 21.92
CA LYS C 174 33.78 -0.34 22.59
C LYS C 174 33.70 1.10 23.09
N ALA C 175 32.84 1.91 22.46
CA ALA C 175 32.63 3.30 22.87
C ALA C 175 31.51 3.47 23.91
N ASN C 176 30.87 2.38 24.33
CA ASN C 176 29.81 2.45 25.34
C ASN C 176 29.95 1.39 26.44
N GLY C 177 31.17 0.91 26.64
CA GLY C 177 31.47 -0.05 27.72
C GLY C 177 31.09 -1.49 27.45
N ILE C 178 30.24 -1.72 26.45
CA ILE C 178 29.77 -3.06 26.11
C ILE C 178 30.96 -3.87 25.60
N GLU C 179 31.05 -5.14 26.01
CA GLU C 179 32.16 -5.99 25.62
C GLU C 179 32.04 -6.40 24.15
N HIS C 180 33.18 -6.37 23.45
CA HIS C 180 33.24 -6.92 22.12
C HIS C 180 34.60 -7.55 21.82
N SER C 181 35.17 -8.21 22.83
CA SER C 181 36.27 -9.14 22.62
C SER C 181 35.65 -10.38 22.01
N ASN C 182 36.31 -10.95 20.99
CA ASN C 182 35.71 -11.98 20.14
C ASN C 182 34.61 -11.36 19.26
N ALA C 183 34.98 -10.32 18.53
CA ALA C 183 34.07 -9.62 17.63
C ALA C 183 33.77 -10.47 16.40
N HIS C 184 32.66 -10.16 15.73
CA HIS C 184 32.17 -10.93 14.58
C HIS C 184 31.90 -12.40 14.93
N ASP C 185 31.50 -12.63 16.18
CA ASP C 185 31.09 -13.95 16.65
C ASP C 185 29.58 -13.91 16.85
N ALA C 186 28.87 -14.69 16.04
CA ALA C 186 27.39 -14.65 15.97
C ALA C 186 26.70 -14.05 17.21
N MET C 187 26.86 -14.69 18.36
CA MET C 187 26.15 -14.28 19.57
C MET C 187 26.70 -12.98 20.17
N ALA C 188 28.03 -12.91 20.29
CA ALA C 188 28.71 -11.74 20.85
C ALA C 188 28.13 -10.44 20.31
N ASP C 189 27.78 -10.47 19.03
CA ASP C 189 27.05 -9.38 18.39
C ASP C 189 25.63 -9.32 18.93
N VAL C 190 24.89 -10.44 18.81
CA VAL C 190 23.47 -10.48 19.18
C VAL C 190 23.21 -9.91 20.57
N TYR C 191 24.13 -10.16 21.51
CA TYR C 191 24.03 -9.55 22.84
C TYR C 191 24.32 -8.05 22.75
N ALA C 192 25.48 -7.73 22.20
CA ALA C 192 25.92 -6.34 22.03
C ALA C 192 24.95 -5.55 21.13
N THR C 193 24.17 -6.27 20.33
CA THR C 193 23.07 -5.68 19.57
C THR C 193 21.91 -5.30 20.49
N ILE C 194 21.55 -6.19 21.41
CA ILE C 194 20.48 -5.90 22.37
C ILE C 194 20.93 -4.75 23.25
N ALA C 195 22.19 -4.79 23.68
CA ALA C 195 22.76 -3.79 24.59
C ALA C 195 22.42 -2.35 24.21
N MET C 196 22.36 -2.06 22.92
CA MET C 196 22.05 -0.73 22.42
C MET C 196 20.57 -0.39 22.55
N ALA C 197 19.69 -1.35 22.27
CA ALA C 197 18.25 -1.13 22.35
C ALA C 197 17.85 -0.64 23.74
N LYS C 198 18.40 -1.29 24.77
CA LYS C 198 18.21 -0.89 26.16
C LYS C 198 18.88 0.46 26.46
N LEU C 199 19.87 0.85 25.67
CA LEU C 199 20.51 2.16 25.81
C LEU C 199 19.68 3.26 25.17
N VAL C 200 18.95 2.93 24.11
CA VAL C 200 18.09 3.90 23.42
C VAL C 200 16.70 4.00 24.04
N LYS C 201 16.17 2.89 24.55
CA LYS C 201 14.91 2.95 25.30
C LYS C 201 15.11 3.65 26.66
N THR C 202 16.35 3.70 27.13
CA THR C 202 16.71 4.42 28.37
C THR C 202 16.91 5.91 28.09
N ARG C 203 17.88 6.22 27.25
CA ARG C 203 18.32 7.60 27.05
C ARG C 203 17.33 8.48 26.28
N GLN C 204 16.48 7.89 25.45
CA GLN C 204 15.52 8.67 24.66
C GLN C 204 14.33 7.83 24.16
N PRO C 205 13.58 7.23 25.10
CA PRO C 205 12.39 6.47 24.72
C PRO C 205 11.38 7.33 23.97
N ARG C 206 11.30 8.60 24.35
CA ARG C 206 10.64 9.64 23.57
C ARG C 206 10.87 9.37 22.09
N LEU C 207 12.15 9.31 21.71
CA LEU C 207 12.54 9.05 20.33
C LEU C 207 12.22 7.61 19.97
N PHE C 208 12.70 6.67 20.78
CA PHE C 208 12.57 5.24 20.48
C PHE C 208 11.17 4.85 20.03
N ASP C 209 10.17 5.21 20.83
CA ASP C 209 8.78 4.85 20.52
C ASP C 209 8.32 5.44 19.20
N TYR C 210 8.82 6.64 18.88
CA TYR C 210 8.49 7.30 17.61
C TYR C 210 8.96 6.44 16.45
N LEU C 211 10.26 6.13 16.45
CA LEU C 211 10.87 5.27 15.44
C LEU C 211 10.16 3.92 15.38
N PHE C 212 9.88 3.38 16.56
CA PHE C 212 9.27 2.06 16.69
C PHE C 212 7.88 2.04 16.07
N THR C 213 6.95 2.81 16.63
CA THR C 213 5.56 2.81 16.17
C THR C 213 5.39 3.11 14.68
N HIS C 214 6.31 3.91 14.12
CA HIS C 214 6.31 4.22 12.69
C HIS C 214 7.19 3.28 11.85
N ARG C 215 7.46 2.07 12.36
CA ARG C 215 8.25 1.09 11.60
C ARG C 215 7.47 0.49 10.45
N ASN C 216 6.15 0.34 10.63
CA ASN C 216 5.30 -0.35 9.65
C ASN C 216 4.91 0.53 8.48
N LYS C 217 4.89 -0.08 7.30
CA LYS C 217 4.37 0.51 6.06
C LYS C 217 3.25 1.53 6.34
N HIS C 218 2.10 1.01 6.79
CA HIS C 218 0.90 1.83 6.98
C HIS C 218 1.13 2.96 7.99
N LYS C 219 2.04 2.76 8.93
CA LYS C 219 2.40 3.79 9.91
C LYS C 219 3.17 4.95 9.28
N LEU C 220 3.82 4.73 8.13
CA LEU C 220 4.65 5.75 7.50
C LEU C 220 3.85 6.74 6.65
N MET C 221 2.84 6.26 5.94
CA MET C 221 1.95 7.12 5.13
C MET C 221 1.42 8.33 5.90
N ALA C 222 1.26 8.17 7.21
CA ALA C 222 0.88 9.28 8.10
C ALA C 222 1.75 10.52 7.85
N LEU C 223 3.05 10.29 7.68
CA LEU C 223 4.00 11.38 7.47
C LEU C 223 4.01 11.87 6.01
N ILE C 224 3.91 10.94 5.07
CA ILE C 224 4.04 11.25 3.65
C ILE C 224 2.77 11.93 3.11
N ASP C 225 2.83 13.25 2.96
CA ASP C 225 1.78 14.01 2.28
C ASP C 225 2.33 14.46 0.93
N VAL C 226 1.86 13.77 -0.12
CA VAL C 226 2.48 13.84 -1.46
C VAL C 226 2.00 15.03 -2.31
N PRO C 227 0.68 15.18 -2.51
CA PRO C 227 0.25 16.29 -3.37
C PRO C 227 0.71 17.64 -2.84
N GLN C 228 0.61 17.84 -1.52
CA GLN C 228 1.04 19.08 -0.87
C GLN C 228 2.51 19.05 -0.46
N MET C 229 3.12 17.86 -0.50
CA MET C 229 4.55 17.68 -0.26
C MET C 229 4.99 18.13 1.13
N LYS C 230 4.49 17.46 2.17
CA LYS C 230 4.83 17.87 3.53
C LYS C 230 6.30 17.60 3.84
N PRO C 231 7.00 18.57 4.45
CA PRO C 231 8.44 18.45 4.66
C PRO C 231 8.79 17.56 5.86
N LEU C 232 9.40 16.42 5.59
CA LEU C 232 9.68 15.43 6.64
C LEU C 232 11.17 15.43 6.98
N VAL C 233 11.51 14.96 8.17
CA VAL C 233 12.91 14.74 8.53
C VAL C 233 13.24 13.29 8.18
N HIS C 234 14.42 13.09 7.60
CA HIS C 234 14.86 11.75 7.22
C HIS C 234 16.28 11.48 7.68
N VAL C 235 16.56 10.21 7.97
CA VAL C 235 17.91 9.79 8.32
C VAL C 235 18.23 8.50 7.58
N SER C 236 19.25 8.56 6.73
CA SER C 236 19.84 7.39 6.10
C SER C 236 21.35 7.58 6.03
N GLY C 237 22.08 6.47 6.03
CA GLY C 237 23.52 6.50 5.80
C GLY C 237 23.86 7.11 4.46
N MET C 238 22.92 6.99 3.52
CA MET C 238 23.08 7.51 2.16
C MET C 238 23.39 9.01 2.14
N PHE C 239 22.86 9.77 3.09
CA PHE C 239 23.19 11.21 3.20
C PHE C 239 24.64 11.40 3.63
N GLY C 240 25.18 10.47 4.40
CA GLY C 240 26.58 10.48 4.79
C GLY C 240 26.86 11.06 6.16
N ALA C 241 28.02 10.72 6.70
CA ALA C 241 28.40 11.13 8.07
C ALA C 241 28.64 12.63 8.20
N TRP C 242 29.21 13.24 7.15
CA TRP C 242 29.48 14.68 7.13
C TRP C 242 28.26 15.55 7.46
N ARG C 243 27.06 15.07 7.12
CA ARG C 243 25.81 15.77 7.42
C ARG C 243 25.07 15.14 8.61
N GLY C 244 25.73 14.22 9.31
CA GLY C 244 25.11 13.49 10.41
C GLY C 244 24.03 12.53 9.96
N ASN C 245 24.10 12.10 8.69
CA ASN C 245 23.11 11.21 8.09
C ASN C 245 21.70 11.77 8.12
N THR C 246 21.56 13.08 7.89
CA THR C 246 20.28 13.77 8.06
C THR C 246 20.05 14.91 7.08
N SER C 247 18.77 15.15 6.77
CA SER C 247 18.31 16.27 5.94
C SER C 247 16.81 16.16 5.71
N TRP C 248 16.13 17.30 5.58
CA TRP C 248 14.69 17.32 5.31
C TRP C 248 14.41 16.80 3.92
N VAL C 249 13.20 16.31 3.69
CA VAL C 249 12.78 15.82 2.38
C VAL C 249 11.30 16.11 2.09
N ALA C 250 10.99 16.22 0.80
CA ALA C 250 9.63 16.51 0.35
C ALA C 250 9.20 15.47 -0.68
N PRO C 251 8.17 14.68 -0.34
CA PRO C 251 7.75 13.57 -1.22
C PRO C 251 7.06 14.03 -2.48
N LEU C 252 7.75 13.93 -3.62
CA LEU C 252 7.17 14.32 -4.90
C LEU C 252 6.12 13.34 -5.36
N ALA C 253 6.46 12.05 -5.39
CA ALA C 253 5.54 11.04 -5.89
C ALA C 253 5.94 9.63 -5.51
N TRP C 254 5.00 8.70 -5.70
CA TRP C 254 5.24 7.28 -5.52
C TRP C 254 5.89 6.74 -6.77
N HIS C 255 7.02 6.04 -6.59
CA HIS C 255 7.76 5.47 -7.71
C HIS C 255 6.79 4.77 -8.67
N PRO C 256 6.82 5.14 -9.97
CA PRO C 256 5.94 4.59 -11.01
C PRO C 256 5.82 3.07 -11.06
N GLU C 257 6.94 2.37 -11.04
CA GLU C 257 6.97 0.90 -11.18
C GLU C 257 7.13 0.13 -9.86
N ASN C 258 7.00 0.82 -8.72
CA ASN C 258 7.27 0.23 -7.40
C ASN C 258 6.69 1.07 -6.25
N ARG C 259 5.43 0.82 -5.94
CA ARG C 259 4.72 1.61 -4.92
C ARG C 259 5.22 1.36 -3.48
N ASN C 260 6.24 0.52 -3.32
CA ASN C 260 7.00 0.45 -2.06
C ASN C 260 8.09 1.53 -1.95
N ALA C 261 8.25 2.33 -3.00
CA ALA C 261 9.24 3.42 -3.00
C ALA C 261 8.58 4.78 -3.22
N VAL C 262 8.95 5.75 -2.39
CA VAL C 262 8.52 7.14 -2.56
C VAL C 262 9.67 7.98 -3.08
N ILE C 263 9.37 8.89 -4.00
CA ILE C 263 10.38 9.72 -4.63
C ILE C 263 10.52 11.01 -3.84
N MET C 264 11.65 11.16 -3.15
CA MET C 264 11.87 12.31 -2.27
C MET C 264 12.78 13.35 -2.91
N VAL C 265 12.90 14.49 -2.24
CA VAL C 265 13.82 15.55 -2.65
C VAL C 265 14.68 15.94 -1.47
N ASP C 266 16.00 15.86 -1.63
CA ASP C 266 16.92 16.40 -0.64
C ASP C 266 16.84 17.92 -0.67
N LEU C 267 16.28 18.49 0.37
CA LEU C 267 16.06 19.93 0.46
C LEU C 267 17.32 20.66 0.93
N ALA C 268 18.30 19.92 1.45
CA ALA C 268 19.58 20.51 1.85
C ALA C 268 20.49 20.80 0.65
N GLY C 269 20.25 20.12 -0.47
CA GLY C 269 21.08 20.26 -1.67
C GLY C 269 20.65 21.38 -2.61
N ASP C 270 21.24 21.41 -3.80
CA ASP C 270 20.95 22.43 -4.81
C ASP C 270 19.93 21.91 -5.84
N ILE C 271 18.70 22.42 -5.75
CA ILE C 271 17.59 21.93 -6.58
C ILE C 271 17.69 22.33 -8.06
N SER C 272 18.38 23.44 -8.35
CA SER C 272 18.33 24.07 -9.68
C SER C 272 18.41 23.11 -10.88
N PRO C 273 19.30 22.09 -10.84
CA PRO C 273 19.34 21.07 -11.89
C PRO C 273 17.96 20.56 -12.31
N LEU C 274 17.13 20.24 -11.33
CA LEU C 274 15.74 19.79 -11.53
C LEU C 274 14.94 20.76 -12.43
N LEU C 275 15.19 22.05 -12.25
CA LEU C 275 14.51 23.11 -12.98
C LEU C 275 15.15 23.30 -14.35
N GLU C 276 16.47 23.17 -14.38
CA GLU C 276 17.28 23.57 -15.53
C GLU C 276 17.75 22.40 -16.41
N LEU C 277 17.22 21.20 -16.18
CA LEU C 277 17.50 20.06 -17.06
C LEU C 277 16.22 19.32 -17.44
N ASP C 278 16.33 18.40 -18.41
CA ASP C 278 15.25 17.47 -18.73
C ASP C 278 15.57 16.10 -18.15
N SER C 279 14.54 15.27 -17.97
CA SER C 279 14.68 13.95 -17.38
C SER C 279 15.88 13.17 -17.94
N ASP C 280 15.93 13.09 -19.27
CA ASP C 280 16.97 12.33 -19.96
C ASP C 280 18.39 12.82 -19.65
N THR C 281 18.52 14.06 -19.18
CA THR C 281 19.79 14.56 -18.65
C THR C 281 19.87 14.24 -17.16
N LEU C 282 18.82 14.62 -16.43
CA LEU C 282 18.72 14.31 -14.99
C LEU C 282 18.92 12.82 -14.78
N ARG C 283 18.25 12.01 -15.59
CA ARG C 283 18.38 10.55 -15.56
C ARG C 283 19.84 10.11 -15.76
N GLU C 284 20.60 10.88 -16.54
CA GLU C 284 22.04 10.66 -16.67
C GLU C 284 22.77 11.24 -15.46
N ARG C 285 22.30 12.37 -14.94
CA ARG C 285 23.02 13.11 -13.90
C ARG C 285 22.90 12.46 -12.52
N LEU C 286 21.88 11.64 -12.33
CA LEU C 286 21.70 10.90 -11.07
C LEU C 286 22.27 9.48 -11.16
N TYR C 287 22.41 8.98 -12.38
CA TYR C 287 23.13 7.72 -12.65
C TYR C 287 24.62 8.00 -12.89
N THR C 288 25.00 9.27 -12.89
CA THR C 288 26.40 9.69 -12.90
C THR C 288 27.00 9.44 -11.51
N ALA C 289 28.26 9.01 -11.47
CA ALA C 289 28.93 8.72 -10.19
C ALA C 289 29.39 9.99 -9.48
N LYS C 290 29.91 9.82 -8.27
CA LYS C 290 30.32 10.95 -7.42
C LYS C 290 31.58 11.67 -7.91
N THR C 291 32.32 11.05 -8.84
CA THR C 291 33.57 11.62 -9.36
C THR C 291 33.39 12.26 -10.73
N ASP C 292 32.73 11.53 -11.64
CA ASP C 292 32.54 12.01 -13.03
C ASP C 292 31.45 13.09 -13.17
N LEU C 293 30.67 13.32 -12.12
CA LEU C 293 29.87 14.54 -12.00
C LEU C 293 30.84 15.65 -11.61
N GLY C 294 31.47 16.26 -12.61
CA GLY C 294 32.65 17.10 -12.41
C GLY C 294 32.43 18.41 -11.66
N ASP C 295 32.56 19.53 -12.37
CA ASP C 295 32.35 20.85 -11.77
C ASP C 295 30.88 21.26 -11.87
N ASN C 296 29.99 20.34 -11.49
CA ASN C 296 28.54 20.53 -11.57
C ASN C 296 27.90 20.40 -10.20
N ALA C 297 26.57 20.46 -10.17
CA ALA C 297 25.80 20.15 -8.98
C ALA C 297 25.19 18.76 -9.13
N ALA C 298 25.08 18.04 -8.02
CA ALA C 298 24.48 16.71 -8.01
C ALA C 298 22.97 16.82 -7.89
N VAL C 299 22.26 15.89 -8.53
CA VAL C 299 20.80 15.86 -8.48
C VAL C 299 20.33 15.45 -7.08
N PRO C 300 19.75 16.38 -6.30
CA PRO C 300 19.38 16.05 -4.92
C PRO C 300 18.02 15.34 -4.82
N VAL C 301 17.94 14.14 -5.40
CA VAL C 301 16.76 13.31 -5.34
C VAL C 301 17.17 11.96 -4.75
N LYS C 302 16.25 11.32 -4.02
CA LYS C 302 16.46 9.95 -3.55
C LYS C 302 15.15 9.19 -3.39
N LEU C 303 15.25 7.86 -3.44
CA LEU C 303 14.11 6.99 -3.19
C LEU C 303 14.17 6.49 -1.76
N VAL C 304 13.10 6.72 -1.01
CA VAL C 304 12.93 6.09 0.30
C VAL C 304 11.97 4.92 0.10
N HIS C 305 12.38 3.75 0.57
CA HIS C 305 11.57 2.54 0.49
C HIS C 305 10.77 2.44 1.77
N ILE C 306 9.44 2.50 1.66
CA ILE C 306 8.60 2.45 2.87
C ILE C 306 8.74 1.14 3.64
N ASN C 307 8.88 0.04 2.90
CA ASN C 307 8.91 -1.30 3.49
C ASN C 307 10.25 -1.71 4.12
N LYS C 308 11.10 -0.74 4.44
CA LYS C 308 12.45 -1.04 4.94
C LYS C 308 12.81 -0.22 6.18
N CYS C 309 11.84 -0.05 7.08
CA CYS C 309 12.06 0.64 8.35
C CYS C 309 12.94 1.89 8.21
N PRO C 310 12.53 2.85 7.36
CA PRO C 310 13.27 4.08 7.18
C PRO C 310 12.94 5.10 8.27
N VAL C 311 13.92 5.89 8.68
CA VAL C 311 13.72 6.93 9.68
C VAL C 311 13.01 8.11 9.03
N LEU C 312 11.68 8.13 9.13
CA LEU C 312 10.89 9.27 8.66
C LEU C 312 10.23 9.94 9.86
N ALA C 313 10.44 11.25 10.01
CA ALA C 313 9.88 11.99 11.15
C ALA C 313 9.22 13.30 10.71
N GLN C 314 8.43 13.86 11.63
CA GLN C 314 7.66 15.08 11.36
C GLN C 314 8.57 16.31 11.30
N ALA C 315 8.30 17.18 10.34
CA ALA C 315 9.03 18.43 10.11
C ALA C 315 9.88 18.93 11.28
N ASN C 316 9.22 19.43 12.32
CA ASN C 316 9.90 20.14 13.42
C ASN C 316 10.70 19.26 14.37
N THR C 317 10.60 17.93 14.19
CA THR C 317 11.40 16.97 14.94
C THR C 317 12.87 17.42 15.01
N LEU C 318 13.42 17.81 13.87
CA LEU C 318 14.78 18.35 13.82
C LEU C 318 14.71 19.78 14.34
N ARG C 319 15.44 20.05 15.43
CA ARG C 319 15.35 21.33 16.11
C ARG C 319 16.52 22.25 15.75
N PRO C 320 16.34 23.58 15.92
CA PRO C 320 17.42 24.52 15.66
C PRO C 320 18.69 24.25 16.48
N GLU C 321 18.53 23.72 17.68
CA GLU C 321 19.66 23.30 18.50
C GLU C 321 20.45 22.17 17.80
N ASP C 322 19.74 21.33 17.05
CA ASP C 322 20.35 20.18 16.37
C ASP C 322 20.91 20.58 15.01
N ALA C 323 20.06 21.19 14.18
CA ALA C 323 20.44 21.63 12.84
C ALA C 323 21.65 22.57 12.84
N ASP C 324 21.79 23.34 13.91
CA ASP C 324 22.99 24.17 14.12
C ASP C 324 24.19 23.31 14.48
N ARG C 325 23.98 22.28 15.31
CA ARG C 325 25.05 21.38 15.71
C ARG C 325 25.56 20.61 14.49
N LEU C 326 24.64 20.26 13.59
CA LEU C 326 24.99 19.52 12.38
C LEU C 326 25.55 20.44 11.30
N GLY C 327 24.75 21.41 10.88
CA GLY C 327 25.15 22.35 9.83
C GLY C 327 24.18 22.47 8.66
N ILE C 328 23.05 21.80 8.73
CA ILE C 328 22.02 21.86 7.68
C ILE C 328 21.33 23.23 7.69
N ASN C 329 21.16 23.82 6.50
CA ASN C 329 20.70 25.20 6.37
C ASN C 329 19.19 25.35 6.20
N ARG C 330 18.51 25.41 7.35
CA ARG C 330 17.04 25.61 7.41
C ARG C 330 16.48 26.41 6.24
N GLN C 331 17.08 27.57 5.98
CA GLN C 331 16.61 28.47 4.93
C GLN C 331 16.55 27.76 3.59
N HIS C 332 17.67 27.20 3.16
CA HIS C 332 17.78 26.61 1.83
C HIS C 332 16.65 25.62 1.59
N CYS C 333 16.46 24.73 2.57
CA CYS C 333 15.41 23.72 2.54
C CYS C 333 14.00 24.31 2.43
N LEU C 334 13.80 25.46 3.05
CA LEU C 334 12.51 26.14 2.98
C LEU C 334 12.34 26.78 1.60
N ASP C 335 13.28 27.64 1.23
CA ASP C 335 13.27 28.27 -0.09
C ASP C 335 12.98 27.22 -1.14
N ASN C 336 13.84 26.20 -1.19
CA ASN C 336 13.70 25.11 -2.16
C ASN C 336 12.30 24.50 -2.12
N LEU C 337 11.72 24.36 -0.92
CA LEU C 337 10.36 23.87 -0.81
C LEU C 337 9.42 24.86 -1.49
N LYS C 338 9.52 26.13 -1.13
CA LYS C 338 8.67 27.18 -1.69
C LYS C 338 8.70 27.08 -3.21
N ILE C 339 9.92 26.97 -3.75
CA ILE C 339 10.11 26.89 -5.19
C ILE C 339 9.49 25.60 -5.75
N LEU C 340 9.61 24.50 -5.00
CA LEU C 340 9.09 23.21 -5.45
C LEU C 340 7.57 23.20 -5.51
N ARG C 341 6.95 23.78 -4.48
CA ARG C 341 5.50 23.98 -4.47
C ARG C 341 5.10 25.00 -5.53
N GLU C 342 5.98 25.95 -5.81
CA GLU C 342 5.80 26.90 -6.92
C GLU C 342 6.26 26.35 -8.28
N ASN C 343 6.60 25.05 -8.34
CA ASN C 343 6.88 24.38 -9.61
C ASN C 343 6.12 23.05 -9.74
N PRO C 344 4.92 23.08 -10.34
CA PRO C 344 4.14 21.85 -10.61
C PRO C 344 4.60 21.02 -11.82
N GLN C 345 5.84 21.26 -12.29
CA GLN C 345 6.43 20.49 -13.37
C GLN C 345 7.72 19.78 -12.98
N VAL C 346 8.37 20.23 -11.89
CA VAL C 346 9.49 19.51 -11.31
C VAL C 346 9.04 18.08 -11.04
N ARG C 347 7.86 17.96 -10.43
CA ARG C 347 7.23 16.66 -10.17
C ARG C 347 6.91 15.91 -11.47
N GLU C 348 6.76 16.62 -12.59
CA GLU C 348 6.45 15.97 -13.87
C GLU C 348 7.60 15.13 -14.41
N LYS C 349 8.77 15.74 -14.56
CA LYS C 349 9.93 15.08 -15.17
C LYS C 349 10.58 14.08 -14.21
N VAL C 350 10.78 14.52 -12.97
CA VAL C 350 11.38 13.69 -11.94
C VAL C 350 10.72 12.32 -11.88
N VAL C 351 9.39 12.31 -11.93
CA VAL C 351 8.63 11.07 -11.85
C VAL C 351 8.64 10.31 -13.19
N ALA C 352 8.91 11.02 -14.28
CA ALA C 352 9.13 10.38 -15.58
C ALA C 352 10.44 9.60 -15.53
N ILE C 353 11.51 10.24 -15.06
CA ILE C 353 12.82 9.60 -14.92
C ILE C 353 12.69 8.11 -14.63
N PHE C 354 11.90 7.77 -13.61
CA PHE C 354 11.81 6.41 -13.10
C PHE C 354 10.78 5.56 -13.87
N ALA C 355 10.74 5.72 -15.19
CA ALA C 355 9.79 4.96 -16.01
C ALA C 355 10.48 4.09 -17.07
N GLU C 356 11.75 3.75 -16.85
CA GLU C 356 12.50 2.86 -17.75
C GLU C 356 12.90 1.58 -17.03
N ALA C 357 12.37 0.45 -17.50
CA ALA C 357 12.65 -0.86 -16.91
C ALA C 357 13.98 -1.42 -17.43
N PRO C 362 17.94 -8.35 -15.58
CA PRO C 362 17.43 -9.72 -15.65
C PRO C 362 18.53 -10.76 -15.44
N SER C 363 18.39 -11.59 -14.40
CA SER C 363 19.45 -12.52 -13.99
C SER C 363 19.29 -13.91 -14.63
N ASP C 364 20.39 -14.65 -14.68
CA ASP C 364 20.45 -15.96 -15.33
C ASP C 364 20.47 -17.14 -14.36
N ASN C 365 20.94 -16.93 -13.13
CA ASN C 365 21.09 -18.02 -12.15
C ASN C 365 19.93 -18.11 -11.15
N VAL C 366 19.27 -19.27 -11.12
CA VAL C 366 18.07 -19.50 -10.32
C VAL C 366 18.17 -18.98 -8.87
N ASP C 367 19.31 -19.18 -8.23
CA ASP C 367 19.52 -18.73 -6.85
C ASP C 367 19.26 -17.23 -6.68
N ALA C 368 19.63 -16.46 -7.69
CA ALA C 368 19.40 -15.01 -7.68
C ALA C 368 18.04 -14.64 -8.27
N GLN C 369 17.30 -15.63 -8.77
CA GLN C 369 15.98 -15.39 -9.34
C GLN C 369 14.89 -15.35 -8.26
N LEU C 370 15.15 -14.60 -7.19
CA LEU C 370 14.20 -14.48 -6.08
C LEU C 370 13.06 -13.54 -6.45
N TYR C 371 13.42 -12.33 -6.87
CA TYR C 371 12.44 -11.27 -7.13
C TYR C 371 11.91 -11.29 -8.57
N ASN C 372 11.47 -12.46 -9.02
CA ASN C 372 10.73 -12.58 -10.27
C ASN C 372 9.26 -12.70 -9.92
N GLY C 373 8.71 -11.64 -9.33
CA GLY C 373 7.33 -11.61 -8.87
C GLY C 373 7.15 -12.43 -7.60
N PHE C 374 6.07 -13.20 -7.55
CA PHE C 374 5.79 -14.09 -6.42
C PHE C 374 5.35 -15.46 -6.94
N PHE C 375 5.07 -16.38 -6.03
CA PHE C 375 4.57 -17.71 -6.38
C PHE C 375 3.06 -17.75 -6.24
N SER C 376 2.37 -18.24 -7.27
CA SER C 376 0.92 -18.33 -7.28
C SER C 376 0.41 -19.36 -6.26
N ASP C 377 -0.84 -19.22 -5.85
CA ASP C 377 -1.44 -20.10 -4.85
C ASP C 377 -1.40 -21.58 -5.25
N ALA C 378 -1.38 -21.83 -6.56
CA ALA C 378 -1.18 -23.19 -7.10
C ALA C 378 0.18 -23.74 -6.71
N ASP C 379 1.22 -22.90 -6.80
CA ASP C 379 2.58 -23.30 -6.44
C ASP C 379 2.80 -23.29 -4.94
N ARG C 380 2.24 -22.28 -4.26
CA ARG C 380 2.32 -22.18 -2.79
C ARG C 380 1.98 -23.51 -2.13
N ALA C 381 0.94 -24.15 -2.63
CA ALA C 381 0.58 -25.50 -2.20
C ALA C 381 1.67 -26.48 -2.63
N ALA C 382 1.96 -26.50 -3.92
CA ALA C 382 2.89 -27.49 -4.51
C ALA C 382 4.24 -27.55 -3.80
N MET C 383 4.71 -26.42 -3.28
CA MET C 383 5.95 -26.36 -2.49
C MET C 383 5.70 -26.88 -1.08
N LYS C 384 4.60 -26.45 -0.47
CA LYS C 384 4.24 -26.87 0.88
C LYS C 384 4.07 -28.39 0.93
N ILE C 385 3.70 -28.96 -0.22
CA ILE C 385 3.58 -30.41 -0.39
C ILE C 385 4.97 -31.05 -0.53
N VAL C 386 5.91 -30.33 -1.16
CA VAL C 386 7.30 -30.78 -1.22
C VAL C 386 7.92 -30.73 0.16
N LEU C 387 7.47 -29.80 1.00
CA LEU C 387 7.89 -29.75 2.40
C LEU C 387 7.40 -30.95 3.22
N GLU C 388 6.29 -31.55 2.80
CA GLU C 388 5.73 -32.73 3.50
C GLU C 388 6.52 -33.98 3.14
N THR C 389 6.95 -34.06 1.89
CA THR C 389 7.62 -35.25 1.34
C THR C 389 8.95 -35.53 2.05
N GLU C 390 9.09 -36.74 2.60
CA GLU C 390 10.35 -37.16 3.19
C GLU C 390 11.39 -37.41 2.09
N PRO C 391 12.69 -37.20 2.41
CA PRO C 391 13.77 -37.36 1.44
C PRO C 391 13.64 -38.58 0.53
N ARG C 392 13.14 -39.69 1.08
CA ARG C 392 12.88 -40.91 0.32
C ARG C 392 12.06 -40.62 -0.94
N ASN C 393 10.90 -40.00 -0.73
CA ASN C 393 9.84 -39.95 -1.75
C ASN C 393 9.93 -38.78 -2.73
N LEU C 394 10.95 -37.93 -2.57
CA LEU C 394 11.14 -36.79 -3.48
C LEU C 394 11.25 -37.24 -4.94
N PRO C 395 12.07 -38.28 -5.22
CA PRO C 395 12.01 -38.92 -6.54
C PRO C 395 10.61 -39.41 -6.93
N ALA C 396 9.87 -39.96 -5.97
CA ALA C 396 8.62 -40.66 -6.26
C ALA C 396 7.46 -39.72 -6.59
N LEU C 397 7.28 -38.70 -5.76
CA LEU C 397 6.09 -37.83 -5.84
C LEU C 397 5.95 -37.16 -7.21
N ASP C 398 4.70 -37.08 -7.69
CA ASP C 398 4.35 -36.40 -8.93
C ASP C 398 3.41 -35.22 -8.63
N ILE C 399 3.97 -34.01 -8.67
CA ILE C 399 3.20 -32.77 -8.53
C ILE C 399 3.59 -31.82 -9.65
N THR C 400 2.61 -31.10 -10.20
CA THR C 400 2.84 -30.16 -11.30
C THR C 400 3.18 -28.78 -10.77
N PHE C 401 4.09 -28.09 -11.47
CA PHE C 401 4.52 -26.75 -11.08
C PHE C 401 4.27 -25.75 -12.21
N VAL C 402 3.75 -24.58 -11.85
CA VAL C 402 3.53 -23.49 -12.80
C VAL C 402 4.86 -22.82 -13.12
N ASP C 403 5.60 -22.48 -12.06
CA ASP C 403 6.83 -21.70 -12.18
C ASP C 403 8.00 -22.56 -12.68
N LYS C 404 8.84 -21.95 -13.53
CA LYS C 404 10.04 -22.61 -14.02
C LYS C 404 11.16 -22.59 -12.97
N ARG C 405 11.07 -21.65 -12.03
CA ARG C 405 12.07 -21.52 -10.96
C ARG C 405 12.07 -22.70 -9.99
N ILE C 406 10.90 -23.24 -9.70
CA ILE C 406 10.76 -24.33 -8.73
C ILE C 406 11.41 -25.60 -9.25
N GLU C 407 10.99 -26.02 -10.44
CA GLU C 407 11.53 -27.21 -11.11
C GLU C 407 13.06 -27.24 -11.10
N LYS C 408 13.67 -26.06 -11.24
CA LYS C 408 15.11 -25.89 -11.10
C LYS C 408 15.52 -26.04 -9.63
N LEU C 409 14.92 -25.20 -8.77
CA LEU C 409 15.25 -25.16 -7.33
C LEU C 409 15.25 -26.54 -6.69
N LEU C 410 14.35 -27.40 -7.14
CA LEU C 410 14.21 -28.75 -6.60
C LEU C 410 15.42 -29.63 -6.94
N PHE C 411 16.00 -29.43 -8.12
CA PHE C 411 17.17 -30.19 -8.55
C PHE C 411 18.36 -29.84 -7.66
N ASN C 412 18.56 -28.55 -7.42
CA ASN C 412 19.63 -28.08 -6.54
C ASN C 412 19.38 -28.51 -5.10
N TYR C 413 18.20 -28.17 -4.60
CA TYR C 413 17.79 -28.51 -3.23
C TYR C 413 18.20 -29.93 -2.82
N ARG C 414 17.93 -30.91 -3.68
CA ARG C 414 18.31 -32.29 -3.42
C ARG C 414 19.82 -32.48 -3.51
N ALA C 415 20.44 -31.92 -4.56
CA ALA C 415 21.85 -32.18 -4.86
C ALA C 415 22.82 -31.53 -3.89
N ARG C 416 22.30 -30.67 -3.03
CA ARG C 416 23.09 -30.02 -1.99
C ARG C 416 22.75 -30.59 -0.61
N ASN C 417 21.47 -30.56 -0.26
CA ASN C 417 21.02 -30.98 1.07
C ASN C 417 20.85 -32.49 1.24
N PHE C 418 20.54 -33.21 0.15
CA PHE C 418 20.37 -34.66 0.23
C PHE C 418 21.04 -35.42 -0.93
N PRO C 419 22.39 -35.36 -1.00
CA PRO C 419 23.12 -36.10 -2.05
C PRO C 419 22.80 -37.60 -2.11
N GLY C 420 22.38 -38.16 -0.98
CA GLY C 420 21.91 -39.54 -0.93
C GLY C 420 20.71 -39.84 -1.82
N THR C 421 19.89 -38.82 -2.10
CA THR C 421 18.68 -39.00 -2.91
C THR C 421 18.96 -39.05 -4.42
N LEU C 422 20.15 -38.60 -4.82
CA LEU C 422 20.49 -38.45 -6.25
C LEU C 422 20.43 -39.75 -7.04
N ASP C 423 20.11 -39.63 -8.33
CA ASP C 423 20.01 -40.77 -9.26
C ASP C 423 21.16 -40.75 -10.27
N TYR C 424 21.53 -41.93 -10.75
CA TYR C 424 22.66 -42.12 -11.68
C TYR C 424 22.86 -40.98 -12.69
N ALA C 425 21.79 -40.58 -13.35
CA ALA C 425 21.85 -39.48 -14.32
C ALA C 425 22.10 -38.15 -13.60
N GLU C 426 21.21 -37.83 -12.66
CA GLU C 426 21.28 -36.59 -11.90
C GLU C 426 22.68 -36.35 -11.37
N GLN C 427 23.25 -37.37 -10.73
CA GLN C 427 24.60 -37.32 -10.18
C GLN C 427 25.62 -36.79 -11.20
N GLN C 428 25.48 -37.21 -12.45
CA GLN C 428 26.40 -36.80 -13.51
C GLN C 428 26.00 -35.45 -14.14
N ARG C 429 24.77 -35.01 -13.89
CA ARG C 429 24.35 -33.67 -14.30
C ARG C 429 24.91 -32.67 -13.29
N TRP C 430 24.96 -33.10 -12.03
CA TRP C 430 25.46 -32.29 -10.92
C TRP C 430 26.96 -32.02 -11.04
N LEU C 431 27.72 -33.05 -11.40
CA LEU C 431 29.15 -32.88 -11.63
C LEU C 431 29.40 -32.03 -12.87
N GLU C 432 28.51 -32.11 -13.85
CA GLU C 432 28.61 -31.29 -15.06
C GLU C 432 28.23 -29.85 -14.76
N HIS C 433 27.38 -29.67 -13.73
CA HIS C 433 27.11 -28.34 -13.19
C HIS C 433 28.36 -27.83 -12.49
N ARG C 434 28.85 -28.61 -11.52
CA ARG C 434 30.09 -28.30 -10.81
C ARG C 434 31.26 -28.03 -11.74
N ARG C 435 31.24 -28.63 -12.92
CA ARG C 435 32.27 -28.44 -13.93
C ARG C 435 32.14 -27.03 -14.53
N GLN C 436 30.90 -26.61 -14.78
CA GLN C 436 30.61 -25.27 -15.33
C GLN C 436 30.85 -24.20 -14.26
N VAL C 437 30.65 -24.59 -13.00
CA VAL C 437 30.95 -23.71 -11.87
C VAL C 437 32.46 -23.54 -11.73
N PHE C 438 33.14 -24.65 -11.44
CA PHE C 438 34.58 -24.68 -11.20
C PHE C 438 35.35 -24.77 -12.53
N THR C 439 35.34 -23.69 -13.30
CA THR C 439 36.07 -23.64 -14.55
C THR C 439 37.47 -23.08 -14.30
N PRO C 440 38.49 -23.64 -14.96
CA PRO C 440 39.91 -23.36 -14.68
C PRO C 440 40.19 -21.92 -14.22
N GLU C 441 40.07 -20.97 -15.13
CA GLU C 441 40.36 -19.56 -14.83
C GLU C 441 39.59 -19.05 -13.60
N PHE C 442 38.31 -19.43 -13.49
CA PHE C 442 37.52 -19.05 -12.31
C PHE C 442 38.26 -19.47 -11.04
N LEU C 443 38.81 -20.68 -11.06
CA LEU C 443 39.59 -21.16 -9.94
C LEU C 443 40.87 -20.32 -9.83
N GLN C 444 41.52 -20.06 -10.97
CA GLN C 444 42.75 -19.26 -10.99
C GLN C 444 42.55 -17.97 -10.22
N GLY C 445 41.48 -17.24 -10.54
CA GLY C 445 41.11 -16.06 -9.77
C GLY C 445 41.29 -16.31 -8.28
N TYR C 446 40.59 -17.34 -7.79
CA TYR C 446 40.63 -17.72 -6.36
C TYR C 446 42.06 -17.77 -5.87
N ALA C 447 42.93 -18.38 -6.67
CA ALA C 447 44.35 -18.43 -6.36
C ALA C 447 44.90 -17.01 -6.29
N ASP C 448 44.81 -16.27 -7.40
CA ASP C 448 45.41 -14.92 -7.46
C ASP C 448 45.00 -14.10 -6.23
N GLU C 449 43.74 -14.23 -5.86
CA GLU C 449 43.17 -13.54 -4.70
C GLU C 449 43.88 -14.02 -3.43
N LEU C 450 43.87 -15.34 -3.20
CA LEU C 450 44.49 -15.92 -2.00
C LEU C 450 45.96 -15.50 -1.87
N GLN C 451 46.68 -15.62 -2.98
CA GLN C 451 48.06 -15.16 -3.09
C GLN C 451 48.14 -13.70 -2.68
N MET C 452 47.50 -12.83 -3.45
CA MET C 452 47.55 -11.39 -3.19
C MET C 452 47.26 -11.07 -1.72
N LEU C 453 46.28 -11.75 -1.15
CA LEU C 453 45.92 -11.52 0.25
C LEU C 453 46.98 -12.03 1.22
N VAL C 454 47.48 -13.24 1.00
CA VAL C 454 48.55 -13.78 1.86
C VAL C 454 49.82 -12.91 1.76
N GLN C 455 50.04 -12.33 0.58
CA GLN C 455 51.10 -11.35 0.36
C GLN C 455 50.79 -10.11 1.17
N GLN C 456 49.53 -9.67 1.12
CA GLN C 456 49.08 -8.52 1.92
C GLN C 456 49.14 -8.86 3.41
N TYR C 457 48.46 -9.95 3.79
CA TYR C 457 48.48 -10.43 5.18
C TYR C 457 49.57 -11.50 5.36
N ALA C 458 50.80 -11.15 5.02
CA ALA C 458 51.95 -12.04 5.18
C ALA C 458 52.44 -12.09 6.63
N ASP C 459 52.44 -10.94 7.30
CA ASP C 459 52.95 -10.81 8.66
C ASP C 459 52.22 -11.73 9.65
N ASP C 460 50.90 -11.64 9.66
CA ASP C 460 50.07 -12.38 10.62
C ASP C 460 50.13 -13.88 10.32
N LYS C 461 50.18 -14.69 11.38
CA LYS C 461 50.17 -16.15 11.26
C LYS C 461 48.75 -16.69 11.41
N GLU C 462 48.02 -16.16 12.39
CA GLU C 462 46.65 -16.60 12.67
C GLU C 462 45.68 -16.34 11.51
N LYS C 463 45.89 -15.25 10.78
CA LYS C 463 45.09 -14.96 9.58
C LYS C 463 45.50 -15.90 8.45
N VAL C 464 46.80 -15.96 8.16
CA VAL C 464 47.34 -16.87 7.13
C VAL C 464 46.82 -18.29 7.34
N ALA C 465 46.80 -18.72 8.61
CA ALA C 465 46.25 -20.03 9.00
C ALA C 465 44.92 -20.34 8.30
N LEU C 466 44.12 -19.30 8.07
CA LEU C 466 42.85 -19.45 7.36
C LEU C 466 43.07 -19.51 5.85
N LEU C 467 43.87 -18.57 5.33
CA LEU C 467 44.16 -18.51 3.89
C LEU C 467 44.68 -19.84 3.39
N LYS C 468 45.48 -20.49 4.24
CA LYS C 468 45.93 -21.84 3.99
C LYS C 468 44.72 -22.77 3.88
N ALA C 469 43.94 -22.81 4.97
CA ALA C 469 42.82 -23.74 5.10
C ALA C 469 41.83 -23.61 3.94
N LEU C 470 41.66 -22.40 3.43
CA LEU C 470 40.76 -22.18 2.30
C LEU C 470 41.26 -22.82 1.01
N TRP C 471 42.59 -22.86 0.84
CA TRP C 471 43.17 -23.53 -0.31
C TRP C 471 43.03 -25.03 -0.15
N GLN C 472 43.40 -25.53 1.03
CA GLN C 472 43.17 -26.92 1.42
C GLN C 472 41.73 -27.33 1.08
N TYR C 473 40.78 -26.52 1.52
CA TYR C 473 39.37 -26.74 1.19
C TYR C 473 39.13 -26.69 -0.31
N ALA C 474 39.74 -25.71 -0.97
CA ALA C 474 39.57 -25.49 -2.40
C ALA C 474 40.09 -26.66 -3.23
N GLU C 475 41.03 -27.42 -2.67
CA GLU C 475 41.49 -28.65 -3.32
C GLU C 475 40.46 -29.77 -3.14
N GLU C 476 40.30 -30.24 -1.90
CA GLU C 476 39.47 -31.41 -1.60
C GLU C 476 38.05 -31.33 -2.16
N ILE C 477 37.46 -30.13 -2.14
CA ILE C 477 36.11 -29.93 -2.68
C ILE C 477 36.06 -30.07 -4.20
N VAL C 478 37.15 -29.69 -4.87
CA VAL C 478 37.20 -29.75 -6.34
C VAL C 478 37.64 -31.13 -6.79
N GLN D 11 -18.83 -16.91 12.70
CA GLN D 11 -18.85 -16.99 11.21
C GLN D 11 -18.86 -15.59 10.59
N SER D 12 -18.17 -15.43 9.46
CA SER D 12 -18.14 -14.16 8.75
C SER D 12 -19.44 -13.93 7.99
N THR D 13 -19.78 -12.66 7.77
CA THR D 13 -21.09 -12.30 7.22
C THR D 13 -21.02 -11.16 6.21
N PHE D 14 -22.02 -11.11 5.32
CA PHE D 14 -22.23 -9.96 4.45
C PHE D 14 -23.14 -8.97 5.17
N LEU D 15 -23.39 -7.83 4.53
CA LEU D 15 -24.34 -6.84 5.05
C LEU D 15 -24.80 -5.93 3.91
N PHE D 16 -25.98 -6.20 3.38
CA PHE D 16 -26.53 -5.46 2.26
C PHE D 16 -27.25 -4.22 2.76
N HIS D 17 -26.74 -3.04 2.43
CA HIS D 17 -27.34 -1.79 2.90
C HIS D 17 -27.67 -0.82 1.77
N ASP D 18 -28.51 0.16 2.09
CA ASP D 18 -28.94 1.18 1.14
C ASP D 18 -29.43 2.44 1.85
N TYR D 19 -29.21 3.58 1.19
CA TYR D 19 -29.67 4.88 1.69
C TYR D 19 -30.77 5.45 0.81
N GLU D 20 -31.51 6.39 1.37
CA GLU D 20 -32.32 7.34 0.61
C GLU D 20 -31.96 8.72 1.17
N THR D 21 -31.37 9.58 0.33
CA THR D 21 -30.88 10.89 0.75
C THR D 21 -31.75 12.03 0.23
N PHE D 22 -31.38 13.25 0.58
CA PHE D 22 -32.04 14.45 0.06
C PHE D 22 -31.24 15.11 -1.06
N GLY D 23 -30.36 14.35 -1.70
CA GLY D 23 -29.54 14.86 -2.80
C GLY D 23 -28.33 14.00 -3.10
N THR D 24 -27.67 14.28 -4.22
CA THR D 24 -26.56 13.45 -4.70
C THR D 24 -25.28 13.61 -3.88
N HIS D 25 -24.86 14.86 -3.67
CA HIS D 25 -23.57 15.12 -3.04
C HIS D 25 -23.57 14.70 -1.55
N PRO D 26 -22.75 13.69 -1.20
CA PRO D 26 -22.76 13.13 0.16
C PRO D 26 -22.37 14.10 1.27
N ALA D 27 -21.37 14.93 1.02
CA ALA D 27 -20.83 15.84 2.03
C ALA D 27 -21.74 17.02 2.32
N LEU D 28 -22.62 17.37 1.39
CA LEU D 28 -23.47 18.55 1.51
C LEU D 28 -24.93 18.17 1.66
N ASP D 29 -25.44 17.38 0.71
CA ASP D 29 -26.80 16.84 0.84
C ASP D 29 -26.80 15.74 1.91
N ARG D 30 -27.88 15.68 2.68
CA ARG D 30 -27.93 14.85 3.88
C ARG D 30 -28.75 13.60 3.63
N PRO D 31 -28.64 12.59 4.53
CA PRO D 31 -29.44 11.39 4.38
C PRO D 31 -30.88 11.60 4.83
N ALA D 32 -31.72 10.61 4.57
CA ALA D 32 -33.13 10.65 4.96
C ALA D 32 -33.58 9.30 5.52
N GLN D 33 -33.18 8.22 4.85
CA GLN D 33 -33.53 6.86 5.27
C GLN D 33 -32.32 5.93 5.18
N PHE D 34 -32.39 4.82 5.90
CA PHE D 34 -31.37 3.78 5.87
C PHE D 34 -32.04 2.42 5.82
N ALA D 35 -31.39 1.44 5.21
CA ALA D 35 -31.84 0.04 5.28
C ALA D 35 -30.65 -0.91 5.33
N ALA D 36 -30.85 -2.07 5.97
CA ALA D 36 -29.77 -3.06 6.14
C ALA D 36 -30.29 -4.45 6.49
N ILE D 37 -29.58 -5.47 6.02
CA ILE D 37 -29.87 -6.88 6.33
C ILE D 37 -28.57 -7.68 6.44
N ARG D 38 -28.36 -8.33 7.58
CA ARG D 38 -27.23 -9.22 7.80
C ARG D 38 -27.47 -10.54 7.07
N THR D 39 -26.42 -11.13 6.51
CA THR D 39 -26.56 -12.39 5.76
C THR D 39 -25.34 -13.31 5.91
N ASP D 40 -25.54 -14.59 5.58
CA ASP D 40 -24.51 -15.61 5.73
C ASP D 40 -23.74 -15.83 4.42
N SER D 41 -22.84 -16.80 4.41
CA SER D 41 -22.01 -17.14 3.24
C SER D 41 -22.82 -17.34 1.95
N GLU D 42 -24.04 -17.87 2.06
CA GLU D 42 -24.92 -18.06 0.92
C GLU D 42 -26.07 -17.04 0.88
N PHE D 43 -25.86 -15.88 1.51
CA PHE D 43 -26.75 -14.71 1.42
C PHE D 43 -28.12 -14.84 2.07
N ASN D 44 -28.33 -15.87 2.89
CA ASN D 44 -29.62 -16.07 3.55
C ASN D 44 -29.82 -15.15 4.74
N VAL D 45 -31.08 -14.82 5.00
CA VAL D 45 -31.44 -13.66 5.82
C VAL D 45 -31.32 -13.94 7.32
N ILE D 46 -30.22 -13.50 7.92
CA ILE D 46 -30.03 -13.52 9.37
C ILE D 46 -30.53 -12.20 9.97
N GLY D 47 -31.00 -12.25 11.21
CA GLY D 47 -31.29 -11.03 11.98
C GLY D 47 -32.54 -10.26 11.58
N GLU D 48 -32.79 -9.19 12.33
CA GLU D 48 -33.95 -8.33 12.12
C GLU D 48 -33.62 -7.24 11.09
N PRO D 49 -34.44 -7.12 10.03
CA PRO D 49 -34.27 -6.02 9.06
C PRO D 49 -34.35 -4.64 9.73
N GLU D 50 -33.28 -3.86 9.58
CA GLU D 50 -33.12 -2.57 10.28
C GLU D 50 -33.38 -1.37 9.35
N VAL D 51 -34.28 -0.47 9.77
CA VAL D 51 -34.59 0.75 9.02
C VAL D 51 -34.87 1.91 9.98
N PHE D 52 -34.21 3.05 9.76
CA PHE D 52 -34.51 4.28 10.50
C PHE D 52 -34.77 5.42 9.52
N TYR D 53 -35.08 6.59 10.07
CA TYR D 53 -35.13 7.84 9.31
C TYR D 53 -34.21 8.87 9.99
N CYS D 54 -33.75 9.85 9.22
CA CYS D 54 -32.82 10.87 9.72
C CYS D 54 -33.43 12.27 9.68
N LYS D 55 -33.41 12.95 10.83
CA LYS D 55 -33.94 14.30 10.93
C LYS D 55 -33.04 15.29 10.19
N PRO D 56 -33.59 16.01 9.19
CA PRO D 56 -32.79 17.07 8.55
C PRO D 56 -32.72 18.30 9.46
N ALA D 57 -31.50 18.75 9.74
CA ALA D 57 -31.28 19.87 10.65
C ALA D 57 -31.85 21.17 10.11
N ASP D 58 -31.90 22.18 10.98
CA ASP D 58 -32.51 23.48 10.64
C ASP D 58 -31.57 24.42 9.86
N ASP D 59 -30.78 23.85 8.95
CA ASP D 59 -29.90 24.64 8.08
C ASP D 59 -29.71 24.01 6.69
N TYR D 60 -30.72 23.27 6.22
CA TYR D 60 -30.61 22.55 4.95
C TYR D 60 -31.97 22.32 4.30
N LEU D 61 -32.01 22.51 2.98
CA LEU D 61 -33.19 22.25 2.17
C LEU D 61 -32.90 21.17 1.13
N PRO D 62 -33.69 20.07 1.14
CA PRO D 62 -33.54 19.03 0.14
C PRO D 62 -33.61 19.55 -1.29
N GLN D 63 -32.71 19.09 -2.16
CA GLN D 63 -32.78 19.45 -3.57
C GLN D 63 -33.91 18.68 -4.26
N PRO D 64 -34.94 19.39 -4.74
CA PRO D 64 -36.21 18.84 -5.21
C PRO D 64 -36.13 17.46 -5.86
N GLY D 65 -35.20 17.32 -6.80
CA GLY D 65 -35.03 16.07 -7.55
C GLY D 65 -34.98 14.85 -6.66
N ALA D 66 -34.26 14.96 -5.55
CA ALA D 66 -34.18 13.86 -4.57
C ALA D 66 -35.57 13.55 -4.02
N VAL D 67 -36.28 14.59 -3.60
CA VAL D 67 -37.59 14.43 -2.96
C VAL D 67 -38.61 13.88 -3.95
N LEU D 68 -38.53 14.31 -5.20
CA LEU D 68 -39.46 13.84 -6.23
C LEU D 68 -39.32 12.35 -6.52
N ILE D 69 -38.09 11.86 -6.46
CA ILE D 69 -37.80 10.46 -6.79
C ILE D 69 -37.88 9.55 -5.55
N THR D 70 -37.49 10.07 -4.39
CA THR D 70 -37.65 9.32 -3.13
C THR D 70 -39.11 9.27 -2.67
N GLY D 71 -39.83 10.35 -2.90
CA GLY D 71 -41.16 10.53 -2.34
C GLY D 71 -41.12 10.83 -0.84
N ILE D 72 -39.91 11.04 -0.32
CA ILE D 72 -39.68 11.26 1.11
C ILE D 72 -39.45 12.75 1.36
N THR D 73 -40.43 13.39 2.00
CA THR D 73 -40.33 14.80 2.37
C THR D 73 -39.48 14.93 3.63
N PRO D 74 -38.93 16.13 3.87
CA PRO D 74 -38.18 16.37 5.11
C PRO D 74 -39.07 16.25 6.35
N GLN D 75 -40.26 16.83 6.28
CA GLN D 75 -41.24 16.73 7.36
C GLN D 75 -41.35 15.29 7.85
N GLU D 76 -41.71 14.40 6.93
CA GLU D 76 -41.85 12.97 7.22
C GLU D 76 -40.62 12.43 7.95
N ALA D 77 -39.44 12.80 7.47
CA ALA D 77 -38.19 12.39 8.08
C ALA D 77 -37.97 13.04 9.45
N ARG D 78 -38.43 14.30 9.59
CA ARG D 78 -38.29 15.02 10.85
C ARG D 78 -39.16 14.37 11.91
N ALA D 79 -40.32 13.86 11.46
CA ALA D 79 -41.27 13.19 12.34
C ALA D 79 -40.82 11.77 12.66
N LYS D 80 -40.67 10.94 11.62
CA LYS D 80 -40.32 9.52 11.81
C LYS D 80 -38.88 9.31 12.32
N GLY D 81 -37.99 10.23 11.99
CA GLY D 81 -36.56 10.01 12.13
C GLY D 81 -35.91 10.42 13.44
N GLU D 82 -34.67 9.96 13.61
CA GLU D 82 -33.83 10.31 14.75
C GLU D 82 -32.85 11.39 14.31
N ASN D 83 -32.28 12.10 15.27
CA ASN D 83 -31.24 13.09 14.96
C ASN D 83 -29.99 12.41 14.41
N GLU D 84 -29.30 13.10 13.50
CA GLU D 84 -28.21 12.48 12.74
C GLU D 84 -27.25 11.67 13.62
N ALA D 85 -26.94 12.18 14.80
CA ALA D 85 -26.02 11.50 15.73
C ALA D 85 -26.46 10.05 15.99
N ALA D 86 -27.75 9.88 16.28
CA ALA D 86 -28.30 8.54 16.47
C ALA D 86 -28.31 7.78 15.15
N PHE D 87 -28.56 8.50 14.06
CA PHE D 87 -28.62 7.90 12.74
C PHE D 87 -27.25 7.31 12.44
N ALA D 88 -26.22 8.02 12.86
CA ALA D 88 -24.84 7.56 12.72
C ALA D 88 -24.59 6.40 13.67
N ALA D 89 -24.69 6.68 14.98
CA ALA D 89 -24.48 5.66 15.99
C ALA D 89 -25.09 4.33 15.55
N ARG D 90 -26.40 4.32 15.36
CA ARG D 90 -27.13 3.10 15.01
C ARG D 90 -26.57 2.40 13.77
N ILE D 91 -26.12 3.17 12.77
CA ILE D 91 -25.48 2.60 11.59
C ILE D 91 -24.07 2.13 11.93
N HIS D 92 -23.36 2.91 12.75
CA HIS D 92 -21.98 2.60 13.11
C HIS D 92 -21.93 1.26 13.84
N SER D 93 -22.94 1.02 14.66
CA SER D 93 -23.04 -0.20 15.47
C SER D 93 -23.25 -1.47 14.63
N LEU D 94 -23.90 -1.33 13.47
CA LEU D 94 -24.11 -2.47 12.58
C LEU D 94 -22.83 -2.73 11.79
N PHE D 95 -22.20 -1.64 11.38
CA PHE D 95 -21.03 -1.68 10.50
C PHE D 95 -19.76 -2.07 11.25
N THR D 96 -19.69 -1.76 12.55
CA THR D 96 -18.50 -2.13 13.36
C THR D 96 -18.41 -3.62 13.72
N VAL D 97 -19.43 -4.41 13.38
CA VAL D 97 -19.42 -5.85 13.63
C VAL D 97 -18.28 -6.54 12.86
N PRO D 98 -17.38 -7.24 13.58
CA PRO D 98 -16.25 -7.92 12.95
C PRO D 98 -16.63 -8.95 11.86
N LYS D 99 -15.66 -9.31 11.03
CA LYS D 99 -15.85 -10.32 9.97
C LYS D 99 -17.06 -10.02 9.08
N THR D 100 -17.10 -8.80 8.55
CA THR D 100 -18.23 -8.36 7.74
C THR D 100 -17.81 -7.79 6.38
N CYS D 101 -18.52 -8.20 5.34
CA CYS D 101 -18.38 -7.63 4.00
C CYS D 101 -19.60 -6.73 3.74
N ILE D 102 -19.47 -5.46 4.11
CA ILE D 102 -20.57 -4.49 4.00
C ILE D 102 -20.70 -4.07 2.53
N LEU D 103 -21.89 -4.20 1.95
CA LEU D 103 -22.07 -3.94 0.53
C LEU D 103 -23.45 -3.42 0.12
N GLY D 104 -23.58 -3.10 -1.17
CA GLY D 104 -24.83 -2.61 -1.76
C GLY D 104 -24.71 -2.45 -3.26
N TYR D 105 -25.52 -1.55 -3.82
CA TYR D 105 -25.52 -1.28 -5.27
C TYR D 105 -24.99 0.13 -5.54
N ASN D 106 -23.88 0.20 -6.26
CA ASN D 106 -23.14 1.46 -6.49
C ASN D 106 -22.56 2.05 -5.20
N ASN D 107 -22.68 1.29 -4.11
CA ASN D 107 -22.44 1.79 -2.76
C ASN D 107 -21.08 2.44 -2.59
N VAL D 108 -20.07 1.81 -3.20
CA VAL D 108 -18.69 2.31 -3.17
C VAL D 108 -18.61 3.68 -3.83
N ARG D 109 -19.28 3.80 -4.98
CA ARG D 109 -19.30 5.06 -5.72
C ARG D 109 -20.11 6.10 -4.96
N PHE D 110 -21.15 5.64 -4.25
CA PHE D 110 -22.11 6.54 -3.61
C PHE D 110 -22.43 6.20 -2.14
N ASP D 111 -23.21 5.15 -1.91
CA ASP D 111 -23.86 4.94 -0.61
C ASP D 111 -22.86 4.96 0.54
N ASP D 112 -21.67 4.44 0.27
CA ASP D 112 -20.60 4.39 1.27
C ASP D 112 -20.05 5.77 1.58
N GLU D 113 -19.83 6.58 0.55
CA GLU D 113 -19.31 7.94 0.73
C GLU D 113 -20.16 8.69 1.76
N VAL D 114 -21.48 8.62 1.59
CA VAL D 114 -22.41 9.17 2.57
C VAL D 114 -22.01 8.65 3.94
N THR D 115 -21.98 7.32 4.06
CA THR D 115 -21.62 6.64 5.31
C THR D 115 -20.37 7.25 5.92
N ARG D 116 -19.41 7.61 5.07
CA ARG D 116 -18.19 8.25 5.53
C ARG D 116 -18.55 9.62 6.09
N ASN D 117 -19.11 10.48 5.24
CA ASN D 117 -19.39 11.86 5.65
C ASN D 117 -20.23 11.94 6.92
N ILE D 118 -21.12 10.96 7.12
CA ILE D 118 -21.91 10.89 8.35
C ILE D 118 -20.99 10.68 9.56
N PHE D 119 -20.11 9.69 9.47
CA PHE D 119 -19.21 9.34 10.57
C PHE D 119 -18.23 10.48 10.81
N TYR D 120 -17.73 11.06 9.72
CA TYR D 120 -16.88 12.24 9.76
C TYR D 120 -17.58 13.35 10.51
N ARG D 121 -18.80 13.67 10.08
CA ARG D 121 -19.59 14.72 10.74
C ARG D 121 -19.85 14.42 12.21
N ASN D 122 -20.13 13.16 12.54
CA ASN D 122 -20.53 12.79 13.90
C ASN D 122 -19.45 12.14 14.77
N PHE D 123 -18.19 12.55 14.56
CA PHE D 123 -17.07 12.15 15.41
C PHE D 123 -16.84 10.63 15.47
N TYR D 124 -16.63 10.04 14.30
CA TYR D 124 -16.29 8.61 14.17
C TYR D 124 -15.15 8.45 13.18
N ASP D 125 -14.62 7.24 13.07
CA ASP D 125 -13.68 6.90 12.01
C ASP D 125 -14.49 6.52 10.76
N PRO D 126 -14.35 7.31 9.68
CA PRO D 126 -15.14 7.04 8.47
C PRO D 126 -14.61 5.90 7.59
N TYR D 127 -13.52 5.26 8.00
CA TYR D 127 -12.92 4.17 7.22
C TYR D 127 -12.85 2.85 8.01
N ALA D 128 -12.50 2.94 9.29
CA ALA D 128 -12.38 1.78 10.18
C ALA D 128 -13.51 0.77 10.01
N TRP D 129 -14.74 1.27 9.87
CA TRP D 129 -15.93 0.42 9.70
C TRP D 129 -15.79 -0.61 8.57
N SER D 130 -14.99 -0.30 7.56
CA SER D 130 -14.70 -1.24 6.47
C SER D 130 -13.22 -1.64 6.46
N TRP D 131 -12.64 -1.82 7.64
CA TRP D 131 -11.22 -2.17 7.77
C TRP D 131 -10.91 -2.94 9.07
N GLN D 132 -11.23 -2.34 10.22
CA GLN D 132 -10.91 -2.97 11.51
C GLN D 132 -11.72 -4.25 11.78
N HIS D 133 -11.04 -5.25 12.35
CA HIS D 133 -11.66 -6.53 12.74
C HIS D 133 -12.19 -7.35 11.53
N ASP D 134 -11.36 -7.46 10.50
CA ASP D 134 -11.64 -8.26 9.30
C ASP D 134 -12.86 -7.79 8.52
N ASN D 135 -13.01 -6.46 8.41
CA ASN D 135 -14.13 -5.88 7.67
C ASN D 135 -13.72 -5.44 6.27
N SER D 136 -14.51 -5.86 5.28
CA SER D 136 -14.27 -5.53 3.88
C SER D 136 -15.49 -4.80 3.31
N ARG D 137 -15.52 -4.61 1.99
CA ARG D 137 -16.72 -4.13 1.31
C ARG D 137 -16.77 -4.60 -0.16
N TRP D 138 -17.88 -4.35 -0.82
CA TRP D 138 -18.09 -4.84 -2.18
C TRP D 138 -19.18 -4.02 -2.90
N ASP D 139 -19.39 -4.31 -4.18
CA ASP D 139 -20.36 -3.57 -4.99
C ASP D 139 -20.83 -4.44 -6.16
N LEU D 140 -22.13 -4.72 -6.21
CA LEU D 140 -22.70 -5.60 -7.23
C LEU D 140 -22.82 -4.97 -8.61
N LEU D 141 -22.93 -3.64 -8.66
CA LEU D 141 -23.12 -2.93 -9.93
C LEU D 141 -22.04 -3.30 -10.95
N ASP D 142 -20.79 -3.28 -10.52
CA ASP D 142 -19.67 -3.73 -11.35
C ASP D 142 -19.79 -5.20 -11.71
N VAL D 143 -20.29 -6.01 -10.76
CA VAL D 143 -20.45 -7.44 -10.94
C VAL D 143 -21.48 -7.75 -12.03
N MET D 144 -22.54 -6.93 -12.10
CA MET D 144 -23.54 -7.07 -13.15
C MET D 144 -22.90 -6.83 -14.51
N ARG D 145 -22.23 -5.67 -14.64
CA ARG D 145 -21.54 -5.29 -15.86
C ARG D 145 -20.54 -6.36 -16.29
N ALA D 146 -19.73 -6.83 -15.34
CA ALA D 146 -18.80 -7.91 -15.60
C ALA D 146 -19.53 -9.15 -16.10
N CYS D 147 -20.52 -9.60 -15.32
CA CYS D 147 -21.29 -10.81 -15.64
C CYS D 147 -21.97 -10.73 -17.01
N TYR D 148 -22.42 -9.55 -17.40
CA TYR D 148 -22.92 -9.36 -18.77
C TYR D 148 -21.78 -9.41 -19.77
N ALA D 149 -20.66 -8.77 -19.43
CA ALA D 149 -19.55 -8.62 -20.37
C ALA D 149 -18.93 -9.97 -20.72
N LEU D 150 -18.63 -10.75 -19.68
CA LEU D 150 -17.87 -11.99 -19.82
C LEU D 150 -18.78 -13.22 -19.92
N ARG D 151 -19.61 -13.41 -18.90
CA ARG D 151 -20.39 -14.64 -18.76
C ARG D 151 -21.89 -14.36 -18.53
N PRO D 152 -22.60 -13.96 -19.61
CA PRO D 152 -24.03 -13.65 -19.51
C PRO D 152 -24.97 -14.85 -19.66
N GLU D 153 -24.45 -16.06 -19.38
CA GLU D 153 -25.24 -17.28 -19.56
C GLU D 153 -26.24 -17.43 -18.42
N GLY D 154 -27.53 -17.42 -18.76
CA GLY D 154 -28.61 -17.65 -17.80
C GLY D 154 -29.37 -16.40 -17.40
N ILE D 155 -28.65 -15.31 -17.14
CA ILE D 155 -29.24 -14.07 -16.63
C ILE D 155 -29.78 -13.22 -17.78
N ASN D 156 -30.86 -12.48 -17.50
CA ASN D 156 -31.46 -11.54 -18.47
C ASN D 156 -30.95 -10.12 -18.26
N TRP D 157 -30.78 -9.39 -19.37
CA TRP D 157 -30.32 -8.00 -19.32
C TRP D 157 -31.22 -7.15 -20.24
N PRO D 158 -31.76 -6.03 -19.71
CA PRO D 158 -32.71 -5.25 -20.51
C PRO D 158 -32.05 -4.25 -21.44
N GLU D 159 -32.47 -4.24 -22.71
CA GLU D 159 -31.98 -3.27 -23.70
C GLU D 159 -32.84 -2.01 -23.70
N ASN D 160 -32.21 -0.87 -23.94
CA ASN D 160 -32.88 0.43 -23.91
C ASN D 160 -33.50 0.80 -25.25
N ASP D 161 -34.05 2.02 -25.34
CA ASP D 161 -34.69 2.52 -26.56
C ASP D 161 -33.81 2.32 -27.79
N ASP D 162 -32.54 2.72 -27.68
CA ASP D 162 -31.56 2.51 -28.74
C ASP D 162 -31.16 1.04 -28.91
N GLY D 163 -31.23 0.29 -27.81
CA GLY D 163 -30.90 -1.15 -27.82
C GLY D 163 -29.61 -1.50 -27.11
N LEU D 164 -29.24 -0.71 -26.10
CA LEU D 164 -28.04 -0.96 -25.31
C LEU D 164 -28.41 -1.48 -23.92
N PRO D 165 -27.53 -2.29 -23.31
CA PRO D 165 -27.87 -2.96 -22.05
C PRO D 165 -27.88 -2.00 -20.86
N SER D 166 -28.97 -2.02 -20.08
CA SER D 166 -29.05 -1.22 -18.86
C SER D 166 -28.52 -2.00 -17.66
N PHE D 167 -28.05 -1.27 -16.67
CA PHE D 167 -27.60 -1.87 -15.41
C PHE D 167 -28.17 -1.10 -14.20
N ARG D 168 -29.39 -0.58 -14.36
CA ARG D 168 -30.16 -0.06 -13.23
C ARG D 168 -30.70 -1.22 -12.41
N LEU D 169 -30.83 -1.02 -11.11
CA LEU D 169 -31.49 -1.99 -10.25
C LEU D 169 -32.96 -2.10 -10.64
N GLU D 170 -33.59 -0.95 -10.87
CA GLU D 170 -35.01 -0.88 -11.26
C GLU D 170 -35.28 -1.58 -12.60
N HIS D 171 -34.31 -1.58 -13.50
CA HIS D 171 -34.44 -2.28 -14.79
C HIS D 171 -34.04 -3.75 -14.67
N LEU D 172 -32.98 -4.04 -13.92
CA LEU D 172 -32.54 -5.43 -13.73
C LEU D 172 -33.56 -6.26 -12.95
N THR D 173 -34.19 -5.66 -11.93
CA THR D 173 -35.21 -6.37 -11.15
C THR D 173 -36.40 -6.75 -12.02
N LYS D 174 -37.05 -5.75 -12.60
CA LYS D 174 -38.19 -5.96 -13.48
C LYS D 174 -37.87 -6.90 -14.64
N ALA D 175 -36.61 -6.97 -15.03
CA ALA D 175 -36.14 -7.86 -16.10
C ALA D 175 -35.74 -9.27 -15.61
N ASN D 176 -35.83 -9.52 -14.31
CA ASN D 176 -35.49 -10.83 -13.76
C ASN D 176 -36.53 -11.37 -12.77
N GLY D 177 -37.76 -10.89 -12.90
CA GLY D 177 -38.88 -11.38 -12.07
C GLY D 177 -38.95 -10.85 -10.66
N ILE D 178 -37.86 -10.26 -10.18
CA ILE D 178 -37.79 -9.71 -8.83
C ILE D 178 -38.75 -8.52 -8.73
N GLU D 179 -39.48 -8.44 -7.62
CA GLU D 179 -40.46 -7.36 -7.43
C GLU D 179 -39.77 -6.03 -7.20
N HIS D 180 -40.29 -4.98 -7.82
CA HIS D 180 -39.83 -3.63 -7.52
C HIS D 180 -40.98 -2.61 -7.62
N SER D 181 -42.16 -3.03 -7.20
CA SER D 181 -43.25 -2.11 -6.92
C SER D 181 -42.89 -1.42 -5.61
N ASN D 182 -43.09 -0.10 -5.54
CA ASN D 182 -42.55 0.72 -4.46
C ASN D 182 -41.04 0.83 -4.59
N ALA D 183 -40.58 1.26 -5.76
CA ALA D 183 -39.17 1.42 -6.05
C ALA D 183 -38.60 2.63 -5.30
N HIS D 184 -37.28 2.65 -5.14
CA HIS D 184 -36.59 3.68 -4.37
C HIS D 184 -37.07 3.76 -2.92
N ASP D 185 -37.48 2.61 -2.38
CA ASP D 185 -37.85 2.48 -0.98
C ASP D 185 -36.75 1.68 -0.29
N ALA D 186 -36.05 2.33 0.63
CA ALA D 186 -34.85 1.79 1.29
C ALA D 186 -34.71 0.27 1.22
N MET D 187 -35.65 -0.44 1.84
CA MET D 187 -35.56 -1.90 1.94
C MET D 187 -35.83 -2.62 0.62
N ALA D 188 -36.92 -2.22 -0.05
CA ALA D 188 -37.34 -2.80 -1.33
C ALA D 188 -36.14 -3.00 -2.25
N ASP D 189 -35.22 -2.03 -2.21
CA ASP D 189 -33.94 -2.15 -2.91
C ASP D 189 -33.07 -3.21 -2.23
N VAL D 190 -32.84 -3.05 -0.92
CA VAL D 190 -31.92 -3.92 -0.17
C VAL D 190 -32.22 -5.39 -0.40
N TYR D 191 -33.51 -5.73 -0.49
CA TYR D 191 -33.89 -7.11 -0.84
C TYR D 191 -33.55 -7.40 -2.29
N ALA D 192 -34.07 -6.57 -3.18
CA ALA D 192 -33.83 -6.70 -4.61
C ALA D 192 -32.34 -6.59 -4.95
N THR D 193 -31.57 -5.98 -4.05
CA THR D 193 -30.11 -5.97 -4.15
C THR D 193 -29.55 -7.36 -3.86
N ILE D 194 -30.04 -8.00 -2.79
CA ILE D 194 -29.59 -9.34 -2.42
C ILE D 194 -29.97 -10.30 -3.54
N ALA D 195 -31.19 -10.14 -4.04
CA ALA D 195 -31.76 -11.01 -5.08
C ALA D 195 -30.79 -11.30 -6.23
N MET D 196 -29.98 -10.31 -6.60
CA MET D 196 -29.02 -10.45 -7.69
C MET D 196 -27.79 -11.27 -7.28
N ALA D 197 -27.31 -11.07 -6.05
CA ALA D 197 -26.13 -11.81 -5.56
C ALA D 197 -26.35 -13.31 -5.65
N LYS D 198 -27.53 -13.75 -5.21
CA LYS D 198 -27.95 -15.15 -5.32
C LYS D 198 -28.14 -15.58 -6.78
N LEU D 199 -28.39 -14.62 -7.68
CA LEU D 199 -28.51 -14.91 -9.10
C LEU D 199 -27.14 -15.07 -9.76
N VAL D 200 -26.15 -14.34 -9.25
CA VAL D 200 -24.78 -14.42 -9.79
C VAL D 200 -23.97 -15.55 -9.16
N LYS D 201 -24.20 -15.84 -7.88
CA LYS D 201 -23.58 -17.01 -7.25
C LYS D 201 -24.17 -18.31 -7.80
N THR D 202 -25.37 -18.23 -8.36
CA THR D 202 -26.02 -19.38 -9.02
C THR D 202 -25.51 -19.55 -10.44
N ARG D 203 -25.74 -18.55 -11.27
CA ARG D 203 -25.50 -18.66 -12.72
C ARG D 203 -24.03 -18.68 -13.12
N GLN D 204 -23.15 -18.11 -12.30
CA GLN D 204 -21.72 -18.09 -12.62
C GLN D 204 -20.83 -17.87 -11.39
N PRO D 205 -20.92 -18.78 -10.40
CA PRO D 205 -20.06 -18.68 -9.22
C PRO D 205 -18.58 -18.73 -9.58
N ARG D 206 -18.26 -19.51 -10.63
CA ARG D 206 -16.97 -19.44 -11.32
C ARG D 206 -16.49 -18.00 -11.38
N LEU D 207 -17.34 -17.14 -11.95
CA LEU D 207 -17.02 -15.72 -12.07
C LEU D 207 -17.10 -15.06 -10.69
N PHE D 208 -18.22 -15.26 -10.00
CA PHE D 208 -18.48 -14.59 -8.72
C PHE D 208 -17.28 -14.65 -7.77
N ASP D 209 -16.78 -15.85 -7.53
CA ASP D 209 -15.66 -16.02 -6.60
C ASP D 209 -14.41 -15.29 -7.06
N TYR D 210 -14.21 -15.20 -8.38
CA TYR D 210 -13.09 -14.47 -8.96
C TYR D 210 -13.16 -13.00 -8.57
N LEU D 211 -14.30 -12.38 -8.88
CA LEU D 211 -14.56 -10.98 -8.52
C LEU D 211 -14.46 -10.78 -7.02
N PHE D 212 -15.03 -11.73 -6.27
CA PHE D 212 -15.07 -11.65 -4.82
C PHE D 212 -13.68 -11.67 -4.22
N THR D 213 -12.96 -12.78 -4.41
CA THR D 213 -11.63 -12.96 -3.81
C THR D 213 -10.64 -11.85 -4.17
N HIS D 214 -10.79 -11.26 -5.35
CA HIS D 214 -9.95 -10.14 -5.81
C HIS D 214 -10.54 -8.76 -5.47
N ARG D 215 -11.45 -8.69 -4.49
CA ARG D 215 -12.03 -7.41 -4.08
C ARG D 215 -11.05 -6.53 -3.30
N ASN D 216 -10.15 -7.17 -2.54
CA ASN D 216 -9.23 -6.45 -1.66
C ASN D 216 -8.01 -5.90 -2.39
N LYS D 217 -7.61 -4.70 -1.98
CA LYS D 217 -6.36 -4.05 -2.40
C LYS D 217 -5.26 -5.07 -2.74
N HIS D 218 -4.77 -5.76 -1.69
CA HIS D 218 -3.64 -6.68 -1.82
C HIS D 218 -3.93 -7.81 -2.81
N LYS D 219 -5.21 -8.18 -2.95
CA LYS D 219 -5.61 -9.20 -3.91
C LYS D 219 -5.49 -8.73 -5.37
N LEU D 220 -5.50 -7.42 -5.60
CA LEU D 220 -5.47 -6.89 -6.97
C LEU D 220 -4.07 -6.81 -7.56
N MET D 221 -3.08 -6.45 -6.73
CA MET D 221 -1.68 -6.40 -7.17
C MET D 221 -1.22 -7.67 -7.89
N ALA D 222 -1.81 -8.80 -7.54
CA ALA D 222 -1.58 -10.07 -8.23
C ALA D 222 -1.69 -9.93 -9.74
N LEU D 223 -2.70 -9.17 -10.17
CA LEU D 223 -2.97 -8.97 -11.60
C LEU D 223 -2.07 -7.88 -12.20
N ILE D 224 -1.84 -6.82 -11.44
CA ILE D 224 -1.09 -5.66 -11.94
C ILE D 224 0.40 -5.91 -12.01
N ASP D 225 0.90 -6.20 -13.21
CA ASP D 225 2.34 -6.30 -13.47
C ASP D 225 2.76 -5.07 -14.27
N VAL D 226 3.41 -4.14 -13.58
CA VAL D 226 3.63 -2.77 -14.08
C VAL D 226 4.85 -2.62 -15.00
N PRO D 227 6.05 -3.05 -14.54
CA PRO D 227 7.22 -2.85 -15.41
C PRO D 227 7.07 -3.55 -16.76
N GLN D 228 6.56 -4.78 -16.73
CA GLN D 228 6.32 -5.56 -17.94
C GLN D 228 4.93 -5.31 -18.54
N MET D 229 4.06 -4.64 -17.79
CA MET D 229 2.74 -4.21 -18.27
C MET D 229 1.87 -5.38 -18.72
N LYS D 230 1.49 -6.24 -17.77
CA LYS D 230 0.67 -7.41 -18.13
C LYS D 230 -0.75 -6.97 -18.55
N PRO D 231 -1.27 -7.54 -19.65
CA PRO D 231 -2.54 -7.09 -20.20
C PRO D 231 -3.73 -7.69 -19.43
N LEU D 232 -4.48 -6.83 -18.75
CA LEU D 232 -5.59 -7.28 -17.91
C LEU D 232 -6.93 -6.96 -18.55
N VAL D 233 -7.97 -7.70 -18.16
CA VAL D 233 -9.32 -7.37 -18.58
C VAL D 233 -9.91 -6.46 -17.51
N HIS D 234 -10.62 -5.42 -17.94
CA HIS D 234 -11.25 -4.48 -17.01
C HIS D 234 -12.69 -4.21 -17.40
N VAL D 235 -13.51 -3.94 -16.38
CA VAL D 235 -14.89 -3.55 -16.58
C VAL D 235 -15.24 -2.35 -15.69
N SER D 236 -15.58 -1.24 -16.34
CA SER D 236 -16.14 -0.08 -15.64
C SER D 236 -17.21 0.53 -16.53
N GLY D 237 -18.18 1.19 -15.90
CA GLY D 237 -19.19 1.96 -16.62
C GLY D 237 -18.55 3.05 -17.47
N MET D 238 -17.39 3.52 -17.04
CA MET D 238 -16.64 4.56 -17.74
C MET D 238 -16.34 4.22 -19.20
N PHE D 239 -16.14 2.94 -19.50
CA PHE D 239 -15.94 2.51 -20.89
C PHE D 239 -17.23 2.67 -21.70
N GLY D 240 -18.38 2.53 -21.04
CA GLY D 240 -19.68 2.77 -21.66
C GLY D 240 -20.38 1.52 -22.13
N ALA D 241 -21.69 1.62 -22.32
CA ALA D 241 -22.54 0.48 -22.70
C ALA D 241 -22.27 -0.02 -24.12
N TRP D 242 -21.96 0.90 -25.04
CA TRP D 242 -21.67 0.56 -26.43
C TRP D 242 -20.56 -0.49 -26.59
N ARG D 243 -19.62 -0.54 -25.64
CA ARG D 243 -18.55 -1.52 -25.64
C ARG D 243 -18.79 -2.65 -24.61
N GLY D 244 -19.98 -2.67 -24.02
CA GLY D 244 -20.32 -3.63 -22.96
C GLY D 244 -19.58 -3.37 -21.67
N ASN D 245 -19.14 -2.11 -21.47
CA ASN D 245 -18.37 -1.70 -20.30
C ASN D 245 -17.07 -2.48 -20.14
N THR D 246 -16.40 -2.76 -21.25
CA THR D 246 -15.23 -3.66 -21.23
C THR D 246 -14.14 -3.28 -22.23
N SER D 247 -12.90 -3.60 -21.87
CA SER D 247 -11.72 -3.46 -22.74
C SER D 247 -10.46 -3.85 -21.97
N TRP D 248 -9.46 -4.38 -22.68
CA TRP D 248 -8.19 -4.74 -22.06
C TRP D 248 -7.43 -3.48 -21.65
N VAL D 249 -6.55 -3.62 -20.66
CA VAL D 249 -5.71 -2.52 -20.18
C VAL D 249 -4.32 -2.97 -19.78
N ALA D 250 -3.36 -2.05 -19.89
CA ALA D 250 -1.96 -2.29 -19.55
C ALA D 250 -1.47 -1.25 -18.55
N PRO D 251 -1.10 -1.69 -17.34
CA PRO D 251 -0.73 -0.75 -16.28
C PRO D 251 0.62 -0.10 -16.51
N LEU D 252 0.62 1.18 -16.86
CA LEU D 252 1.86 1.91 -17.10
C LEU D 252 2.59 2.19 -15.79
N ALA D 253 1.88 2.78 -14.82
CA ALA D 253 2.51 3.16 -13.56
C ALA D 253 1.50 3.46 -12.45
N TRP D 254 2.02 3.56 -11.23
CA TRP D 254 1.22 3.96 -10.08
C TRP D 254 1.15 5.48 -10.06
N HIS D 255 -0.07 6.01 -9.96
CA HIS D 255 -0.29 7.45 -9.93
C HIS D 255 0.70 8.12 -8.97
N PRO D 256 1.47 9.11 -9.46
CA PRO D 256 2.49 9.82 -8.70
C PRO D 256 2.06 10.30 -7.31
N GLU D 257 0.93 11.00 -7.22
CA GLU D 257 0.47 11.60 -5.96
C GLU D 257 -0.61 10.79 -5.22
N ASN D 258 -0.82 9.54 -5.63
CA ASN D 258 -1.91 8.71 -5.08
C ASN D 258 -1.74 7.23 -5.40
N ARG D 259 -1.00 6.52 -4.55
CA ARG D 259 -0.69 5.10 -4.79
C ARG D 259 -1.89 4.17 -4.65
N ASN D 260 -3.08 4.72 -4.38
CA ASN D 260 -4.33 3.96 -4.51
C ASN D 260 -4.86 3.96 -5.96
N ALA D 261 -4.18 4.67 -6.86
CA ALA D 261 -4.57 4.71 -8.27
C ALA D 261 -3.47 4.18 -9.19
N VAL D 262 -3.84 3.30 -10.11
CA VAL D 262 -2.91 2.82 -11.14
C VAL D 262 -3.26 3.46 -12.48
N ILE D 263 -2.23 3.82 -13.25
CA ILE D 263 -2.42 4.49 -14.53
C ILE D 263 -2.47 3.44 -15.64
N MET D 264 -3.66 3.26 -16.21
CA MET D 264 -3.89 2.22 -17.21
C MET D 264 -3.91 2.79 -18.62
N VAL D 265 -3.93 1.90 -19.61
CA VAL D 265 -4.08 2.28 -21.01
C VAL D 265 -5.22 1.49 -21.62
N ASP D 266 -6.20 2.19 -22.19
CA ASP D 266 -7.24 1.55 -22.97
C ASP D 266 -6.62 1.04 -24.27
N LEU D 267 -6.51 -0.28 -24.37
CA LEU D 267 -5.88 -0.90 -25.53
C LEU D 267 -6.84 -1.03 -26.71
N ALA D 268 -8.14 -0.85 -26.46
CA ALA D 268 -9.14 -0.86 -27.53
C ALA D 268 -9.14 0.43 -28.36
N GLY D 269 -8.62 1.52 -27.78
CA GLY D 269 -8.62 2.84 -28.43
C GLY D 269 -7.41 3.09 -29.31
N ASP D 270 -7.26 4.34 -29.75
CA ASP D 270 -6.16 4.74 -30.62
C ASP D 270 -5.03 5.38 -29.81
N ILE D 271 -3.93 4.66 -29.68
CA ILE D 271 -2.81 5.07 -28.83
C ILE D 271 -1.97 6.23 -29.40
N SER D 272 -1.99 6.39 -30.72
CA SER D 272 -1.06 7.32 -31.40
C SER D 272 -0.84 8.69 -30.74
N PRO D 273 -1.92 9.35 -30.26
CA PRO D 273 -1.78 10.59 -29.50
C PRO D 273 -0.65 10.56 -28.46
N LEU D 274 -0.62 9.48 -27.67
CA LEU D 274 0.42 9.25 -26.65
C LEU D 274 1.83 9.38 -27.24
N LEU D 275 1.99 8.90 -28.46
CA LEU D 275 3.29 8.90 -29.15
C LEU D 275 3.54 10.26 -29.76
N GLU D 276 2.47 10.87 -30.28
CA GLU D 276 2.57 12.04 -31.15
C GLU D 276 2.25 13.37 -30.44
N LEU D 277 2.13 13.35 -29.12
CA LEU D 277 1.95 14.59 -28.34
C LEU D 277 2.89 14.64 -27.14
N ASP D 278 2.96 15.81 -26.51
CA ASP D 278 3.65 15.94 -25.22
C ASP D 278 2.60 16.03 -24.10
N SER D 279 3.03 15.73 -22.88
CA SER D 279 2.16 15.71 -21.71
C SER D 279 1.24 16.93 -21.68
N ASP D 280 1.84 18.12 -21.75
CA ASP D 280 1.10 19.39 -21.65
C ASP D 280 0.00 19.53 -22.70
N THR D 281 0.11 18.78 -23.80
CA THR D 281 -0.98 18.68 -24.77
C THR D 281 -1.91 17.54 -24.35
N LEU D 282 -1.32 16.37 -24.09
CA LEU D 282 -2.08 15.21 -23.63
C LEU D 282 -2.90 15.59 -22.39
N ARG D 283 -2.23 16.28 -21.47
CA ARG D 283 -2.86 16.79 -20.25
C ARG D 283 -4.06 17.69 -20.57
N GLU D 284 -3.98 18.43 -21.68
CA GLU D 284 -5.14 19.18 -22.18
C GLU D 284 -6.13 18.26 -22.89
N ARG D 285 -5.62 17.26 -23.60
CA ARG D 285 -6.45 16.40 -24.46
C ARG D 285 -7.29 15.39 -23.68
N LEU D 286 -6.88 15.08 -22.46
CA LEU D 286 -7.64 14.18 -21.59
C LEU D 286 -8.54 14.96 -20.62
N TYR D 287 -8.20 16.23 -20.39
CA TYR D 287 -9.07 17.15 -19.65
C TYR D 287 -10.02 17.87 -20.63
N THR D 288 -9.87 17.60 -21.92
CA THR D 288 -10.83 18.03 -22.93
C THR D 288 -12.09 17.18 -22.82
N ALA D 289 -13.25 17.79 -23.04
CA ALA D 289 -14.53 17.08 -22.94
C ALA D 289 -14.81 16.23 -24.19
N LYS D 290 -15.89 15.47 -24.14
CA LYS D 290 -16.25 14.54 -25.23
C LYS D 290 -16.74 15.23 -26.51
N THR D 291 -17.08 16.51 -26.42
CA THR D 291 -17.58 17.28 -27.56
C THR D 291 -16.51 18.17 -28.20
N ASP D 292 -15.79 18.92 -27.36
CA ASP D 292 -14.77 19.88 -27.85
C ASP D 292 -13.47 19.20 -28.31
N LEU D 293 -13.31 17.91 -28.01
CA LEU D 293 -12.31 17.09 -28.69
C LEU D 293 -12.90 16.79 -30.08
N GLY D 294 -12.66 17.70 -31.03
CA GLY D 294 -13.39 17.73 -32.30
C GLY D 294 -13.13 16.57 -33.25
N ASP D 295 -12.47 16.85 -34.37
CA ASP D 295 -12.14 15.82 -35.37
C ASP D 295 -10.79 15.18 -35.05
N ASN D 296 -10.61 14.79 -33.79
CA ASN D 296 -9.36 14.22 -33.29
C ASN D 296 -9.61 12.84 -32.71
N ALA D 297 -8.56 12.25 -32.14
CA ALA D 297 -8.67 11.01 -31.37
C ALA D 297 -8.60 11.37 -29.89
N ALA D 298 -9.33 10.60 -29.07
CA ALA D 298 -9.33 10.80 -27.62
C ALA D 298 -8.16 10.06 -27.01
N VAL D 299 -7.61 10.59 -25.92
CA VAL D 299 -6.49 9.98 -25.22
C VAL D 299 -6.99 8.74 -24.47
N PRO D 300 -6.59 7.52 -24.92
CA PRO D 300 -7.13 6.31 -24.30
C PRO D 300 -6.36 5.90 -23.04
N VAL D 301 -6.41 6.75 -22.02
CA VAL D 301 -5.81 6.50 -20.72
C VAL D 301 -6.90 6.61 -19.66
N LYS D 302 -6.77 5.83 -18.59
CA LYS D 302 -7.67 5.96 -17.44
C LYS D 302 -6.99 5.54 -16.14
N LEU D 303 -7.51 6.06 -15.03
CA LEU D 303 -7.05 5.67 -13.70
C LEU D 303 -8.00 4.64 -13.11
N VAL D 304 -7.46 3.49 -12.74
CA VAL D 304 -8.20 2.51 -11.95
C VAL D 304 -7.77 2.68 -10.49
N HIS D 305 -8.74 2.83 -9.61
CA HIS D 305 -8.48 2.97 -8.18
C HIS D 305 -8.54 1.57 -7.57
N ILE D 306 -7.43 1.11 -7.01
CA ILE D 306 -7.38 -0.24 -6.44
C ILE D 306 -8.35 -0.41 -5.28
N ASN D 307 -8.48 0.64 -4.46
CA ASN D 307 -9.27 0.58 -3.24
C ASN D 307 -10.79 0.70 -3.43
N LYS D 308 -11.29 0.47 -4.64
CA LYS D 308 -12.70 0.68 -4.94
C LYS D 308 -13.34 -0.49 -5.67
N CYS D 309 -12.96 -1.70 -5.28
CA CYS D 309 -13.52 -2.93 -5.85
C CYS D 309 -13.71 -2.86 -7.37
N PRO D 310 -12.61 -2.60 -8.11
CA PRO D 310 -12.69 -2.56 -9.56
C PRO D 310 -12.63 -3.96 -10.16
N VAL D 311 -13.33 -4.17 -11.27
CA VAL D 311 -13.30 -5.46 -11.96
C VAL D 311 -11.99 -5.57 -12.76
N LEU D 312 -10.99 -6.21 -12.15
CA LEU D 312 -9.73 -6.50 -12.84
C LEU D 312 -9.58 -8.02 -12.97
N ALA D 313 -9.36 -8.49 -14.19
CA ALA D 313 -9.24 -9.92 -14.47
C ALA D 313 -8.04 -10.24 -15.34
N GLN D 314 -7.68 -11.53 -15.36
CA GLN D 314 -6.52 -12.02 -16.10
C GLN D 314 -6.78 -11.99 -17.61
N ALA D 315 -5.75 -11.58 -18.36
CA ALA D 315 -5.77 -11.50 -19.83
C ALA D 315 -6.86 -12.32 -20.53
N ASN D 316 -6.69 -13.64 -20.54
CA ASN D 316 -7.54 -14.53 -21.35
C ASN D 316 -8.96 -14.74 -20.82
N THR D 317 -9.26 -14.19 -19.64
CA THR D 317 -10.61 -14.18 -19.08
C THR D 317 -11.65 -13.80 -20.15
N LEU D 318 -11.37 -12.72 -20.89
CA LEU D 318 -12.22 -12.30 -22.00
C LEU D 318 -11.93 -13.24 -23.17
N ARG D 319 -12.95 -13.97 -23.63
CA ARG D 319 -12.78 -15.02 -24.63
C ARG D 319 -13.18 -14.53 -26.03
N PRO D 320 -12.67 -15.19 -27.08
CA PRO D 320 -13.05 -14.83 -28.45
C PRO D 320 -14.55 -14.93 -28.71
N GLU D 321 -15.23 -15.85 -28.03
CA GLU D 321 -16.69 -15.94 -28.09
C GLU D 321 -17.35 -14.67 -27.55
N ASP D 322 -16.70 -14.03 -26.56
CA ASP D 322 -17.25 -12.84 -25.92
C ASP D 322 -16.85 -11.57 -26.68
N ALA D 323 -15.55 -11.41 -26.93
CA ALA D 323 -15.01 -10.25 -27.64
C ALA D 323 -15.63 -10.07 -29.03
N ASP D 324 -16.02 -11.19 -29.66
CA ASP D 324 -16.76 -11.15 -30.91
C ASP D 324 -18.20 -10.68 -30.68
N ARG D 325 -18.81 -11.14 -29.58
CA ARG D 325 -20.18 -10.75 -29.24
C ARG D 325 -20.24 -9.25 -28.94
N LEU D 326 -19.18 -8.75 -28.32
CA LEU D 326 -19.09 -7.32 -27.96
C LEU D 326 -18.67 -6.48 -29.16
N GLY D 327 -17.49 -6.77 -29.70
CA GLY D 327 -16.93 -6.01 -30.83
C GLY D 327 -15.53 -5.45 -30.62
N ILE D 328 -14.91 -5.76 -29.48
CA ILE D 328 -13.55 -5.29 -29.19
C ILE D 328 -12.54 -6.02 -30.06
N ASN D 329 -11.59 -5.28 -30.64
CA ASN D 329 -10.68 -5.80 -31.66
C ASN D 329 -9.36 -6.33 -31.09
N ARG D 330 -9.37 -7.60 -30.69
CA ARG D 330 -8.20 -8.31 -30.18
C ARG D 330 -6.87 -7.80 -30.75
N GLN D 331 -6.80 -7.72 -32.07
CA GLN D 331 -5.58 -7.30 -32.77
C GLN D 331 -5.10 -5.94 -32.27
N HIS D 332 -5.96 -4.94 -32.35
CA HIS D 332 -5.58 -3.56 -32.04
C HIS D 332 -4.93 -3.50 -30.66
N CYS D 333 -5.58 -4.12 -29.69
CA CYS D 333 -5.10 -4.18 -28.31
C CYS D 333 -3.72 -4.85 -28.20
N LEU D 334 -3.47 -5.85 -29.03
CA LEU D 334 -2.19 -6.53 -29.03
C LEU D 334 -1.14 -5.64 -29.67
N ASP D 335 -1.38 -5.22 -30.92
CA ASP D 335 -0.48 -4.29 -31.62
C ASP D 335 -0.08 -3.15 -30.68
N ASN D 336 -1.10 -2.44 -30.19
CA ASN D 336 -0.87 -1.33 -29.27
C ASN D 336 0.02 -1.73 -28.09
N LEU D 337 -0.19 -2.93 -27.57
CA LEU D 337 0.64 -3.43 -26.47
C LEU D 337 2.08 -3.58 -26.94
N LYS D 338 2.26 -4.25 -28.08
CA LYS D 338 3.58 -4.43 -28.68
C LYS D 338 4.29 -3.09 -28.79
N ILE D 339 3.56 -2.10 -29.33
CA ILE D 339 4.13 -0.76 -29.52
C ILE D 339 4.44 -0.11 -28.17
N LEU D 340 3.57 -0.32 -27.18
CA LEU D 340 3.76 0.27 -25.84
C LEU D 340 4.98 -0.31 -25.14
N ARG D 341 5.15 -1.63 -25.23
CA ARG D 341 6.35 -2.30 -24.73
C ARG D 341 7.57 -1.89 -25.55
N GLU D 342 7.34 -1.60 -26.83
CA GLU D 342 8.38 -1.05 -27.71
C GLU D 342 8.53 0.48 -27.59
N ASN D 343 7.84 1.09 -26.63
CA ASN D 343 8.02 2.51 -26.31
C ASN D 343 8.20 2.75 -24.81
N PRO D 344 9.46 2.76 -24.33
CA PRO D 344 9.79 3.08 -22.93
C PRO D 344 9.73 4.58 -22.56
N GLN D 345 9.09 5.39 -23.40
CA GLN D 345 8.92 6.83 -23.12
C GLN D 345 7.44 7.24 -23.06
N VAL D 346 6.55 6.43 -23.63
CA VAL D 346 5.11 6.61 -23.45
C VAL D 346 4.83 6.66 -21.96
N ARG D 347 5.41 5.72 -21.23
CA ARG D 347 5.32 5.66 -19.77
C ARG D 347 5.97 6.89 -19.11
N GLU D 348 6.91 7.55 -19.79
CA GLU D 348 7.57 8.73 -19.24
C GLU D 348 6.65 9.94 -19.09
N LYS D 349 6.02 10.34 -20.20
CA LYS D 349 5.18 11.56 -20.22
C LYS D 349 3.83 11.33 -19.54
N VAL D 350 3.19 10.21 -19.87
CA VAL D 350 1.89 9.84 -19.30
C VAL D 350 1.91 9.97 -17.79
N VAL D 351 2.97 9.47 -17.17
CA VAL D 351 3.10 9.50 -15.71
C VAL D 351 3.51 10.90 -15.21
N ALA D 352 4.09 11.71 -16.09
CA ALA D 352 4.36 13.11 -15.78
C ALA D 352 3.02 13.86 -15.70
N ILE D 353 2.17 13.67 -16.71
CA ILE D 353 0.84 14.30 -16.74
C ILE D 353 0.26 14.50 -15.34
N PHE D 354 0.25 13.42 -14.56
CA PHE D 354 -0.42 13.40 -13.26
C PHE D 354 0.48 13.91 -12.14
N ALA D 355 1.24 14.97 -12.40
CA ALA D 355 2.14 15.53 -11.38
C ALA D 355 1.84 17.00 -11.08
N GLU D 356 0.61 17.44 -11.34
CA GLU D 356 0.17 18.80 -11.01
C GLU D 356 -0.96 18.76 -9.99
N ALA D 357 -0.71 19.33 -8.81
CA ALA D 357 -1.69 19.36 -7.73
C ALA D 357 -2.66 20.52 -7.91
N PRO D 362 -9.16 22.82 -3.47
CA PRO D 362 -9.20 23.12 -2.04
C PRO D 362 -10.54 23.73 -1.62
N SER D 363 -11.25 23.06 -0.71
CA SER D 363 -12.61 23.46 -0.33
C SER D 363 -12.66 24.39 0.87
N ASP D 364 -13.77 25.12 1.00
CA ASP D 364 -13.94 26.13 2.05
C ASP D 364 -14.86 25.71 3.19
N ASN D 365 -15.78 24.77 2.94
CA ASN D 365 -16.77 24.35 3.94
C ASN D 365 -16.41 23.05 4.67
N VAL D 366 -16.31 23.15 6.00
CA VAL D 366 -15.84 22.04 6.85
C VAL D 366 -16.47 20.68 6.52
N ASP D 367 -17.77 20.66 6.23
CA ASP D 367 -18.48 19.41 5.91
C ASP D 367 -17.86 18.68 4.72
N ALA D 368 -17.34 19.43 3.76
CA ALA D 368 -16.66 18.86 2.59
C ALA D 368 -15.16 18.70 2.83
N GLN D 369 -14.67 19.14 4.00
CA GLN D 369 -13.25 19.02 4.33
C GLN D 369 -12.94 17.64 4.93
N LEU D 370 -13.41 16.58 4.28
CA LEU D 370 -13.19 15.21 4.75
C LEU D 370 -11.78 14.76 4.41
N TYR D 371 -11.42 14.87 3.14
CA TYR D 371 -10.15 14.34 2.64
C TYR D 371 -9.02 15.35 2.73
N ASN D 372 -8.86 15.95 3.91
CA ASN D 372 -7.67 16.75 4.21
C ASN D 372 -6.73 15.91 5.04
N GLY D 373 -6.23 14.84 4.43
CA GLY D 373 -5.37 13.88 5.12
C GLY D 373 -6.17 12.99 6.07
N PHE D 374 -5.61 12.75 7.24
CA PHE D 374 -6.28 11.97 8.29
C PHE D 374 -6.15 12.69 9.63
N PHE D 375 -6.72 12.10 10.68
CA PHE D 375 -6.61 12.63 12.04
C PHE D 375 -5.51 11.91 12.80
N SER D 376 -4.62 12.68 13.42
CA SER D 376 -3.50 12.12 14.19
C SER D 376 -3.99 11.39 15.44
N ASP D 377 -3.15 10.49 15.96
CA ASP D 377 -3.50 9.67 17.13
C ASP D 377 -3.86 10.52 18.35
N ALA D 378 -3.29 11.72 18.42
CA ALA D 378 -3.66 12.71 19.44
C ALA D 378 -5.12 13.11 19.34
N ASP D 379 -5.59 13.32 18.11
CA ASP D 379 -6.98 13.71 17.87
C ASP D 379 -7.91 12.50 17.93
N ARG D 380 -7.47 11.37 17.38
CA ARG D 380 -8.24 10.12 17.41
C ARG D 380 -8.78 9.85 18.81
N ALA D 381 -7.93 10.07 19.82
CA ALA D 381 -8.34 10.01 21.21
C ALA D 381 -9.33 11.13 21.51
N ALA D 382 -8.90 12.36 21.26
CA ALA D 382 -9.68 13.56 21.61
C ALA D 382 -11.12 13.53 21.11
N MET D 383 -11.35 12.89 19.97
CA MET D 383 -12.70 12.70 19.43
C MET D 383 -13.43 11.57 20.16
N LYS D 384 -12.71 10.46 20.36
CA LYS D 384 -13.26 9.30 21.06
C LYS D 384 -13.68 9.69 22.47
N ILE D 385 -13.02 10.70 23.02
CA ILE D 385 -13.35 11.28 24.33
C ILE D 385 -14.59 12.18 24.23
N VAL D 386 -14.76 12.84 23.08
CA VAL D 386 -15.98 13.62 22.82
C VAL D 386 -17.16 12.67 22.64
N LEU D 387 -16.89 11.47 22.14
CA LEU D 387 -17.93 10.42 22.05
C LEU D 387 -18.38 9.92 23.43
N GLU D 388 -17.51 10.03 24.44
CA GLU D 388 -17.83 9.60 25.81
C GLU D 388 -18.72 10.63 26.49
N THR D 389 -18.44 11.91 26.22
CA THR D 389 -19.10 13.03 26.89
C THR D 389 -20.61 13.06 26.59
N GLU D 390 -21.42 13.04 27.65
CA GLU D 390 -22.86 13.18 27.51
C GLU D 390 -23.20 14.62 27.10
N PRO D 391 -24.31 14.80 26.35
CA PRO D 391 -24.73 16.13 25.87
C PRO D 391 -24.59 17.25 26.91
N ARG D 392 -24.88 16.94 28.17
CA ARG D 392 -24.70 17.89 29.27
C ARG D 392 -23.33 18.53 29.26
N ASN D 393 -22.30 17.69 29.28
CA ASN D 393 -20.93 18.11 29.61
C ASN D 393 -20.09 18.60 28.43
N LEU D 394 -20.67 18.60 27.23
CA LEU D 394 -19.97 19.06 26.04
C LEU D 394 -19.47 20.51 26.22
N PRO D 395 -20.33 21.42 26.71
CA PRO D 395 -19.84 22.74 27.14
C PRO D 395 -18.72 22.67 28.18
N ALA D 396 -18.82 21.73 29.11
CA ALA D 396 -17.93 21.70 30.28
C ALA D 396 -16.53 21.21 29.96
N LEU D 397 -16.44 20.08 29.24
CA LEU D 397 -15.17 19.40 29.02
C LEU D 397 -14.11 20.28 28.34
N ASP D 398 -12.87 20.15 28.81
CA ASP D 398 -11.72 20.85 28.24
C ASP D 398 -10.72 19.84 27.67
N ILE D 399 -10.71 19.69 26.35
CA ILE D 399 -9.73 18.84 25.65
C ILE D 399 -9.14 19.65 24.49
N THR D 400 -7.84 19.49 24.26
CA THR D 400 -7.13 20.21 23.20
C THR D 400 -7.19 19.44 21.89
N PHE D 401 -7.31 20.18 20.78
CA PHE D 401 -7.36 19.58 19.44
C PHE D 401 -6.24 20.11 18.55
N VAL D 402 -5.61 19.21 17.81
CA VAL D 402 -4.56 19.58 16.85
C VAL D 402 -5.22 20.17 15.61
N ASP D 403 -6.21 19.46 15.09
CA ASP D 403 -6.85 19.80 13.81
C ASP D 403 -7.81 20.98 13.96
N LYS D 404 -7.83 21.84 12.95
CA LYS D 404 -8.76 22.97 12.89
C LYS D 404 -10.16 22.52 12.49
N ARG D 405 -10.25 21.38 11.80
CA ARG D 405 -11.53 20.83 11.34
C ARG D 405 -12.44 20.37 12.49
N ILE D 406 -11.85 19.84 13.54
CA ILE D 406 -12.62 19.31 14.67
C ILE D 406 -13.31 20.44 15.42
N GLU D 407 -12.52 21.43 15.84
CA GLU D 407 -13.02 22.60 16.57
C GLU D 407 -14.25 23.21 15.88
N LYS D 408 -14.23 23.20 14.55
CA LYS D 408 -15.38 23.60 13.74
C LYS D 408 -16.49 22.56 13.86
N LEU D 409 -16.17 21.31 13.50
CA LEU D 409 -17.14 20.21 13.48
C LEU D 409 -17.96 20.12 14.76
N LEU D 410 -17.32 20.42 15.88
CA LEU D 410 -17.96 20.35 17.19
C LEU D 410 -19.05 21.41 17.36
N PHE D 411 -18.83 22.59 16.78
CA PHE D 411 -19.81 23.67 16.85
C PHE D 411 -21.09 23.29 16.09
N ASN D 412 -20.90 22.74 14.89
CA ASN D 412 -22.02 22.26 14.08
C ASN D 412 -22.70 21.08 14.74
N TYR D 413 -21.92 20.05 15.06
CA TYR D 413 -22.40 18.83 15.70
C TYR D 413 -23.44 19.11 16.79
N ARG D 414 -23.12 20.06 17.68
CA ARG D 414 -24.04 20.45 18.74
C ARG D 414 -25.26 21.20 18.20
N ALA D 415 -25.01 22.16 17.31
CA ALA D 415 -26.05 23.08 16.84
C ALA D 415 -27.08 22.42 15.94
N ARG D 416 -26.81 21.19 15.51
CA ARG D 416 -27.74 20.41 14.70
C ARG D 416 -28.38 19.30 15.51
N ASN D 417 -27.54 18.47 16.13
CA ASN D 417 -28.00 17.29 16.85
C ASN D 417 -28.48 17.57 18.27
N PHE D 418 -27.94 18.61 18.92
CA PHE D 418 -28.35 18.95 20.29
C PHE D 418 -28.56 20.46 20.51
N PRO D 419 -29.56 21.05 19.82
CA PRO D 419 -29.86 22.48 20.00
C PRO D 419 -30.11 22.89 21.45
N GLY D 420 -30.55 21.94 22.28
CA GLY D 420 -30.69 22.17 23.71
C GLY D 420 -29.40 22.54 24.41
N THR D 421 -28.26 22.09 23.88
CA THR D 421 -26.95 22.35 24.50
C THR D 421 -26.44 23.77 24.24
N LEU D 422 -27.00 24.46 23.25
CA LEU D 422 -26.50 25.77 22.80
C LEU D 422 -26.50 26.85 23.88
N ASP D 423 -25.55 27.77 23.78
CA ASP D 423 -25.40 28.90 24.72
C ASP D 423 -25.78 30.22 24.04
N TYR D 424 -26.25 31.17 24.85
CA TYR D 424 -26.73 32.48 24.38
C TYR D 424 -25.98 33.05 23.17
N ALA D 425 -24.64 33.05 23.24
CA ALA D 425 -23.82 33.54 22.14
C ALA D 425 -23.91 32.60 20.94
N GLU D 426 -23.57 31.33 21.18
CA GLU D 426 -23.58 30.29 20.15
C GLU D 426 -24.88 30.34 19.35
N GLN D 427 -26.01 30.35 20.06
CA GLN D 427 -27.34 30.42 19.44
C GLN D 427 -27.44 31.53 18.39
N GLN D 428 -26.82 32.68 18.67
CA GLN D 428 -26.85 33.82 17.76
C GLN D 428 -25.75 33.76 16.70
N ARG D 429 -24.76 32.90 16.90
CA ARG D 429 -23.75 32.63 15.88
C ARG D 429 -24.35 31.67 14.85
N TRP D 430 -25.18 30.75 15.36
CA TRP D 430 -25.86 29.74 14.54
C TRP D 430 -26.88 30.36 13.60
N LEU D 431 -27.67 31.31 14.10
CA LEU D 431 -28.61 32.04 13.26
C LEU D 431 -27.88 32.92 12.24
N GLU D 432 -26.71 33.43 12.62
CA GLU D 432 -25.88 34.23 11.71
C GLU D 432 -25.22 33.34 10.66
N HIS D 433 -25.01 32.07 11.02
CA HIS D 433 -24.60 31.06 10.04
C HIS D 433 -25.77 30.80 9.10
N ARG D 434 -26.91 30.43 9.67
CA ARG D 434 -28.15 30.22 8.90
C ARG D 434 -28.50 31.40 8.00
N ARG D 435 -28.10 32.60 8.42
CA ARG D 435 -28.32 33.82 7.64
C ARG D 435 -27.42 33.81 6.40
N GLN D 436 -26.17 33.39 6.57
CA GLN D 436 -25.20 33.30 5.48
C GLN D 436 -25.57 32.14 4.56
N VAL D 437 -26.18 31.11 5.13
CA VAL D 437 -26.68 29.97 4.35
C VAL D 437 -27.88 30.42 3.52
N PHE D 438 -28.96 30.79 4.21
CA PHE D 438 -30.21 31.18 3.58
C PHE D 438 -30.18 32.65 3.16
N THR D 439 -29.39 32.96 2.13
CA THR D 439 -29.32 34.30 1.58
C THR D 439 -30.37 34.46 0.48
N PRO D 440 -31.02 35.63 0.41
CA PRO D 440 -32.18 35.87 -0.45
C PRO D 440 -32.14 35.13 -1.79
N GLU D 441 -31.24 35.54 -2.69
CA GLU D 441 -31.13 34.94 -4.01
C GLU D 441 -30.97 33.41 -3.96
N PHE D 442 -30.15 32.92 -3.02
CA PHE D 442 -29.99 31.47 -2.85
C PHE D 442 -31.36 30.83 -2.68
N LEU D 443 -32.21 31.47 -1.89
CA LEU D 443 -33.57 30.99 -1.70
C LEU D 443 -34.34 31.13 -3.01
N GLN D 444 -34.18 32.27 -3.68
CA GLN D 444 -34.85 32.53 -4.95
C GLN D 444 -34.63 31.37 -5.90
N GLY D 445 -33.37 30.97 -6.06
CA GLY D 445 -33.04 29.78 -6.85
C GLY D 445 -34.00 28.64 -6.54
N TYR D 446 -34.10 28.29 -5.26
CA TYR D 446 -34.99 27.22 -4.79
C TYR D 446 -36.39 27.39 -5.38
N ALA D 447 -36.88 28.63 -5.31
CA ALA D 447 -38.16 28.97 -5.90
C ALA D 447 -38.15 28.68 -7.39
N ASP D 448 -37.27 29.35 -8.14
CA ASP D 448 -37.22 29.17 -9.61
C ASP D 448 -37.21 27.70 -9.98
N GLU D 449 -36.43 26.90 -9.25
CA GLU D 449 -36.35 25.46 -9.44
C GLU D 449 -37.72 24.83 -9.18
N LEU D 450 -38.28 25.06 -7.99
CA LEU D 450 -39.59 24.47 -7.65
C LEU D 450 -40.65 24.81 -8.70
N GLN D 451 -40.72 26.09 -9.06
CA GLN D 451 -41.58 26.58 -10.12
C GLN D 451 -41.33 25.79 -11.39
N MET D 452 -40.13 25.90 -11.95
CA MET D 452 -39.80 25.24 -13.20
C MET D 452 -40.19 23.77 -13.17
N LEU D 453 -39.96 23.09 -12.05
CA LEU D 453 -40.30 21.68 -11.92
C LEU D 453 -41.81 21.46 -11.89
N VAL D 454 -42.53 22.22 -11.06
CA VAL D 454 -43.99 22.10 -10.99
C VAL D 454 -44.63 22.41 -12.35
N GLN D 455 -44.01 23.33 -13.10
CA GLN D 455 -44.39 23.62 -14.48
C GLN D 455 -44.11 22.38 -15.34
N GLN D 456 -42.95 21.77 -15.12
CA GLN D 456 -42.60 20.54 -15.83
C GLN D 456 -43.51 19.40 -15.40
N TYR D 457 -43.57 19.17 -14.09
CA TYR D 457 -44.45 18.15 -13.51
C TYR D 457 -45.77 18.78 -13.06
N ALA D 458 -46.45 19.46 -13.99
CA ALA D 458 -47.74 20.09 -13.71
C ALA D 458 -48.87 19.06 -13.73
N ASP D 459 -48.81 18.11 -14.68
CA ASP D 459 -49.87 17.11 -14.86
C ASP D 459 -50.11 16.28 -13.61
N ASP D 460 -49.04 15.71 -13.06
CA ASP D 460 -49.14 14.81 -11.92
C ASP D 460 -49.58 15.57 -10.67
N LYS D 461 -50.42 14.94 -9.85
CA LYS D 461 -50.88 15.51 -8.59
C LYS D 461 -50.03 15.00 -7.42
N GLU D 462 -49.76 13.69 -7.43
CA GLU D 462 -48.98 13.03 -6.38
C GLU D 462 -47.54 13.54 -6.29
N LYS D 463 -46.94 13.90 -7.44
CA LYS D 463 -45.61 14.51 -7.45
C LYS D 463 -45.68 15.95 -6.95
N VAL D 464 -46.58 16.73 -7.53
CA VAL D 464 -46.80 18.12 -7.10
C VAL D 464 -47.00 18.20 -5.60
N ALA D 465 -47.80 17.26 -5.07
CA ALA D 465 -48.01 17.13 -3.62
C ALA D 465 -46.72 17.29 -2.81
N LEU D 466 -45.60 16.83 -3.36
CA LEU D 466 -44.30 16.97 -2.72
C LEU D 466 -43.72 18.36 -2.95
N LEU D 467 -43.76 18.82 -4.20
CA LEU D 467 -43.23 20.14 -4.57
C LEU D 467 -43.87 21.22 -3.70
N LYS D 468 -45.14 21.03 -3.40
CA LYS D 468 -45.84 21.87 -2.44
C LYS D 468 -45.16 21.77 -1.09
N ALA D 469 -45.12 20.55 -0.56
CA ALA D 469 -44.63 20.29 0.79
C ALA D 469 -43.22 20.84 1.01
N LEU D 470 -42.41 20.80 -0.03
CA LEU D 470 -41.05 21.33 0.07
C LEU D 470 -41.03 22.85 0.24
N TRP D 471 -41.98 23.54 -0.36
CA TRP D 471 -42.08 24.98 -0.18
C TRP D 471 -42.59 25.28 1.22
N GLN D 472 -43.66 24.58 1.62
CA GLN D 472 -44.16 24.62 3.00
C GLN D 472 -43.01 24.46 3.99
N TYR D 473 -42.20 23.43 3.77
CA TYR D 473 -41.00 23.21 4.58
C TYR D 473 -40.05 24.39 4.47
N ALA D 474 -39.85 24.88 3.24
CA ALA D 474 -38.90 25.95 2.97
C ALA D 474 -39.29 27.25 3.67
N GLU D 475 -40.58 27.40 3.97
CA GLU D 475 -41.04 28.55 4.75
C GLU D 475 -40.72 28.35 6.23
N GLU D 476 -41.39 27.38 6.85
CA GLU D 476 -41.30 27.17 8.31
C GLU D 476 -39.87 27.06 8.82
N ILE D 477 -39.00 26.40 8.06
CA ILE D 477 -37.59 26.25 8.46
C ILE D 477 -36.83 27.58 8.43
N VAL D 478 -37.20 28.46 7.50
CA VAL D 478 -36.53 29.74 7.36
C VAL D 478 -37.14 30.78 8.31
#